data_9ET0
#
_entry.id   9ET0
#
_cell.length_a   74.057
_cell.length_b   133.648
_cell.length_c   147.727
_cell.angle_alpha   90
_cell.angle_beta   90
_cell.angle_gamma   90
#
_symmetry.space_group_name_H-M   'P 21 21 21'
#
loop_
_entity.id
_entity.type
_entity.pdbx_description
1 polymer 'Cyclin-dependent kinase 2'
2 polymer Cyclin-A2
3 non-polymer 5-bromanylpyrimidine
4 water water
#
loop_
_entity_poly.entity_id
_entity_poly.type
_entity_poly.pdbx_seq_one_letter_code
_entity_poly.pdbx_strand_id
1 'polypeptide(L)'
;GPGSMENFQKVEKIGEGTYGVVYKARNKLTGEVVALKKIRLDTETEGVPSTAIREISLLKELNHPNIVKLLDVIHTENKL
YLVFEFLHQDLKKFMDASALTGIPLPLIKSYLFQLLQGLAFCHSHRVLHRDLKPQNLLINTEGAIKLADFGLARAFGVPV
RTY(TPO)HEVVTLWYRAPEILLGCKYYSTAVDIWSLGCIFAEMVTRRALFPGDSEIDQLFRIFRTLGTPDEVVWPGVTS
MPDYKPSFPKWARQDFSKVVPPLDEDGRSLLSQMLHYDPNKRISAKAALAHPFFQDVTKPVPHLRL
;
A,C
2 'polypeptide(L)'
;GVNEVPDYHEDIHTYLREMEVKCKPKVGYMKKQPDITNSMRAILVDWLVEVGEEYKLQNETLHLAVNYIDRFLSSMSVLR
GKLQLVGTAAMLLASKFEEIYPPEVAEFVYITDDTYTKKQVLRMEHLVLKVLAFDLAAPTINQFLTQYFLHQQPANCKVE
SLAMFLGELSLIDADPYLKYLPSVIAAAAFHLALYTVTGQSWPESLVQKTGYTLETLKPCLLDLHQTYLRAPQHAQQSIR
EKYKNSKYHGVSLLNPPETLNVHHHHHH
;
B,D
#
loop_
_chem_comp.id
_chem_comp.type
_chem_comp.name
_chem_comp.formula
HHN non-polymer 5-bromanylpyrimidine 'C4 H3 Br N2'
#
# COMPACT_ATOMS: atom_id res chain seq x y z
N GLY A 1 7.65 -6.16 0.69
CA GLY A 1 8.81 -6.87 1.27
C GLY A 1 8.41 -7.69 2.50
N PRO A 2 7.49 -8.69 2.38
CA PRO A 2 7.16 -9.61 3.48
C PRO A 2 8.13 -10.77 3.72
N GLY A 3 8.99 -11.07 2.75
CA GLY A 3 9.88 -12.23 2.83
C GLY A 3 11.13 -11.98 3.66
N SER A 4 11.72 -13.09 4.12
CA SER A 4 13.08 -13.13 4.66
C SER A 4 13.72 -14.45 4.24
N MET A 5 15.06 -14.48 4.16
CA MET A 5 15.75 -15.56 3.48
C MET A 5 15.63 -16.86 4.25
N GLU A 6 15.29 -16.76 5.54
CA GLU A 6 15.18 -17.91 6.43
C GLU A 6 14.05 -18.85 6.00
N ASN A 7 13.05 -18.35 5.26
CA ASN A 7 11.94 -19.21 4.84
C ASN A 7 12.20 -19.90 3.50
N PHE A 8 13.33 -19.61 2.86
CA PHE A 8 13.65 -20.31 1.62
C PHE A 8 14.73 -21.37 1.82
N GLN A 9 14.57 -22.46 1.08
CA GLN A 9 15.52 -23.57 1.00
C GLN A 9 16.01 -23.63 -0.44
N LYS A 10 17.31 -23.36 -0.64
CA LYS A 10 17.96 -23.43 -1.94
C LYS A 10 17.97 -24.88 -2.40
N VAL A 11 17.58 -25.12 -3.67
CA VAL A 11 17.41 -26.46 -4.17
C VAL A 11 18.59 -26.76 -5.10
N GLU A 12 18.86 -25.84 -6.02
CA GLU A 12 19.99 -25.98 -6.93
C GLU A 12 20.17 -24.67 -7.71
N LYS A 13 21.36 -24.50 -8.30
CA LYS A 13 21.65 -23.37 -9.18
C LYS A 13 21.02 -23.64 -10.54
N ILE A 14 20.37 -22.63 -11.14
CA ILE A 14 19.66 -22.84 -12.38
C ILE A 14 20.18 -21.91 -13.46
N GLY A 15 21.12 -21.04 -13.11
CA GLY A 15 21.53 -20.06 -14.11
C GLY A 15 22.44 -19.00 -13.53
N GLU A 16 22.85 -18.09 -14.41
CA GLU A 16 23.75 -17.02 -14.06
C GLU A 16 23.47 -15.89 -15.04
N GLY A 17 23.17 -14.72 -14.50
CA GLY A 17 22.86 -13.54 -15.30
C GLY A 17 23.78 -12.37 -14.96
N THR A 18 23.21 -11.15 -15.06
CA THR A 18 23.97 -9.91 -14.98
C THR A 18 24.44 -9.65 -13.55
N TYR A 19 23.80 -10.24 -12.54
CA TYR A 19 24.23 -9.96 -11.17
C TYR A 19 24.91 -11.20 -10.60
N GLY A 20 24.75 -12.30 -11.33
CA GLY A 20 25.41 -13.53 -10.97
C GLY A 20 24.41 -14.67 -10.89
N VAL A 21 24.35 -15.31 -9.73
CA VAL A 21 23.69 -16.60 -9.61
C VAL A 21 22.17 -16.44 -9.51
N VAL A 22 21.45 -17.37 -10.15
CA VAL A 22 20.04 -17.60 -9.92
C VAL A 22 19.90 -19.01 -9.34
N TYR A 23 19.19 -19.15 -8.21
CA TYR A 23 18.86 -20.45 -7.65
C TYR A 23 17.37 -20.77 -7.78
N LYS A 24 17.07 -22.07 -7.93
CA LYS A 24 15.72 -22.56 -7.68
C LYS A 24 15.64 -22.78 -6.16
N ALA A 25 14.49 -22.44 -5.57
CA ALA A 25 14.32 -22.54 -4.12
C ALA A 25 12.85 -22.80 -3.80
N ARG A 26 12.64 -23.19 -2.56
CA ARG A 26 11.35 -23.63 -2.10
C ARG A 26 11.02 -22.84 -0.83
N ASN A 27 9.82 -22.25 -0.82
CA ASN A 27 9.33 -21.57 0.36
C ASN A 27 8.92 -22.67 1.35
N LYS A 28 9.54 -22.70 2.54
CA LYS A 28 9.33 -23.83 3.42
C LYS A 28 7.98 -23.75 4.09
N LEU A 29 7.32 -22.58 4.02
CA LEU A 29 6.05 -22.40 4.73
C LEU A 29 4.87 -22.65 3.80
N THR A 30 4.97 -22.21 2.55
CA THR A 30 3.85 -22.26 1.62
C THR A 30 4.01 -23.36 0.56
N GLY A 31 5.24 -23.88 0.40
CA GLY A 31 5.55 -24.91 -0.59
C GLY A 31 6.00 -24.32 -1.92
N GLU A 32 5.87 -23.00 -2.04
CA GLU A 32 6.02 -22.38 -3.35
C GLU A 32 7.47 -22.48 -3.81
N VAL A 33 7.62 -22.85 -5.08
CA VAL A 33 8.89 -22.98 -5.78
C VAL A 33 9.17 -21.67 -6.49
N VAL A 34 10.35 -21.10 -6.25
CA VAL A 34 10.66 -19.76 -6.75
C VAL A 34 12.06 -19.81 -7.35
N ALA A 35 12.42 -18.73 -8.04
CA ALA A 35 13.77 -18.51 -8.46
C ALA A 35 14.28 -17.29 -7.70
N LEU A 36 15.43 -17.43 -7.03
CA LEU A 36 16.09 -16.34 -6.33
C LEU A 36 17.21 -15.79 -7.21
N LYS A 37 17.11 -14.52 -7.60
CA LYS A 37 18.20 -13.84 -8.27
C LYS A 37 18.96 -13.02 -7.22
N LYS A 38 20.22 -13.38 -6.97
CA LYS A 38 21.04 -12.72 -5.97
C LYS A 38 21.83 -11.61 -6.66
N ILE A 39 21.97 -10.48 -5.97
CA ILE A 39 22.73 -9.30 -6.48
C ILE A 39 23.61 -8.81 -5.33
N ARG A 40 24.91 -9.09 -5.35
CA ARG A 40 25.80 -8.71 -4.23
C ARG A 40 26.12 -7.20 -4.32
N LEU A 41 26.02 -6.49 -3.20
CA LEU A 41 26.20 -5.00 -3.26
C LEU A 41 27.51 -4.62 -2.56
N ASP A 42 28.16 -5.56 -1.88
CA ASP A 42 29.47 -5.27 -1.25
C ASP A 42 30.51 -5.22 -2.36
N THR A 43 30.27 -5.94 -3.45
CA THR A 43 31.16 -5.89 -4.62
C THR A 43 30.84 -4.65 -5.40
N GLU A 44 29.72 -4.00 -5.08
CA GLU A 44 29.31 -2.77 -5.80
C GLU A 44 29.87 -1.54 -5.06
N THR A 45 30.63 -0.71 -5.76
CA THR A 45 31.16 0.54 -5.17
C THR A 45 30.36 1.69 -5.70
N GLU A 46 29.44 1.42 -6.63
CA GLU A 46 28.55 2.48 -7.16
C GLU A 46 27.14 2.27 -6.59
N GLY A 47 27.03 1.47 -5.53
CA GLY A 47 25.73 1.27 -4.89
C GLY A 47 24.88 0.31 -5.69
N VAL A 48 23.55 0.44 -5.61
CA VAL A 48 22.65 -0.49 -6.27
C VAL A 48 22.72 -0.28 -7.77
N PRO A 49 22.93 -1.34 -8.56
CA PRO A 49 23.13 -1.17 -9.99
C PRO A 49 21.86 -0.65 -10.67
N SER A 50 22.05 0.13 -11.73
CA SER A 50 20.92 0.67 -12.45
C SER A 50 20.13 -0.42 -13.15
N THR A 51 20.80 -1.50 -13.57
CA THR A 51 20.10 -2.66 -14.13
C THR A 51 19.05 -3.16 -13.15
N ALA A 52 19.44 -3.31 -11.89
CA ALA A 52 18.54 -3.82 -10.85
C ALA A 52 17.43 -2.81 -10.53
N ILE A 53 17.76 -1.52 -10.44
CA ILE A 53 16.79 -0.47 -10.16
C ILE A 53 15.69 -0.47 -11.22
N ARG A 54 16.07 -0.54 -12.48
CA ARG A 54 15.11 -0.64 -13.57
C ARG A 54 14.34 -1.96 -13.53
N GLU A 55 15.04 -3.07 -13.30
CA GLU A 55 14.36 -4.34 -13.35
C GLU A 55 13.29 -4.40 -12.27
N ILE A 56 13.64 -4.04 -11.03
CA ILE A 56 12.73 -4.12 -9.89
C ILE A 56 11.57 -3.13 -10.06
N SER A 57 11.89 -1.85 -10.29
CA SER A 57 10.84 -0.84 -10.38
C SER A 57 9.85 -1.13 -11.54
N LEU A 58 10.34 -1.63 -12.65
CA LEU A 58 9.47 -1.84 -13.79
C LEU A 58 8.66 -3.12 -13.61
N LEU A 59 9.23 -4.16 -13.00
CA LEU A 59 8.52 -5.43 -12.90
C LEU A 59 7.44 -5.39 -11.82
N LYS A 60 7.62 -4.54 -10.79
CA LYS A 60 6.62 -4.34 -9.76
C LYS A 60 5.27 -3.94 -10.38
N GLU A 61 5.30 -3.16 -11.45
CA GLU A 61 4.11 -2.66 -12.13
C GLU A 61 3.54 -3.65 -13.17
N LEU A 62 4.35 -4.56 -13.69
CA LEU A 62 3.93 -5.41 -14.79
C LEU A 62 3.39 -6.75 -14.28
N ASN A 63 2.09 -6.78 -13.94
N ASN A 63 2.11 -6.79 -13.87
CA ASN A 63 1.40 -7.99 -13.53
CA ASN A 63 1.47 -8.07 -13.54
C ASN A 63 0.64 -8.55 -14.74
C ASN A 63 0.68 -8.54 -14.75
N HIS A 64 1.16 -9.62 -15.35
CA HIS A 64 0.53 -10.19 -16.54
C HIS A 64 0.91 -11.67 -16.57
N PRO A 65 -0.01 -12.55 -17.02
CA PRO A 65 0.29 -13.97 -17.04
C PRO A 65 1.47 -14.39 -17.92
N ASN A 66 1.87 -13.52 -18.88
CA ASN A 66 2.97 -13.80 -19.79
C ASN A 66 4.18 -12.88 -19.52
N ILE A 67 4.24 -12.35 -18.31
CA ILE A 67 5.44 -11.70 -17.81
C ILE A 67 5.79 -12.41 -16.51
N VAL A 68 7.02 -12.92 -16.43
CA VAL A 68 7.54 -13.54 -15.23
C VAL A 68 7.29 -12.59 -14.06
N LYS A 69 6.76 -13.14 -12.97
CA LYS A 69 6.31 -12.34 -11.86
C LYS A 69 7.42 -12.19 -10.82
N LEU A 70 7.69 -10.94 -10.43
CA LEU A 70 8.53 -10.61 -9.28
C LEU A 70 7.67 -10.67 -8.02
N LEU A 71 7.96 -11.62 -7.12
CA LEU A 71 7.11 -11.89 -5.97
C LEU A 71 7.53 -11.02 -4.80
N ASP A 72 8.81 -10.65 -4.73
CA ASP A 72 9.33 -10.03 -3.54
C ASP A 72 10.78 -9.60 -3.76
N VAL A 73 11.21 -8.65 -2.93
CA VAL A 73 12.61 -8.12 -2.97
C VAL A 73 13.13 -8.10 -1.52
N ILE A 74 14.16 -9.03 -1.20
CA ILE A 74 14.75 -9.10 0.12
C ILE A 74 16.03 -8.26 0.10
N HIS A 75 15.96 -7.14 0.84
CA HIS A 75 17.00 -6.08 0.79
C HIS A 75 17.86 -6.08 2.04
N THR A 76 18.85 -6.96 2.09
CA THR A 76 19.78 -6.94 3.22
C THR A 76 20.75 -5.79 3.01
N GLU A 77 21.63 -5.55 3.96
CA GLU A 77 22.59 -4.43 3.85
C GLU A 77 23.73 -4.82 2.90
N ASN A 78 23.92 -6.11 2.70
CA ASN A 78 25.08 -6.56 1.86
C ASN A 78 24.56 -7.23 0.59
N LYS A 79 23.33 -7.72 0.60
CA LYS A 79 22.82 -8.48 -0.57
C LYS A 79 21.41 -8.06 -0.95
N LEU A 80 21.06 -8.30 -2.22
CA LEU A 80 19.69 -8.00 -2.70
C LEU A 80 19.18 -9.24 -3.41
N TYR A 81 18.15 -9.88 -2.86
CA TYR A 81 17.51 -11.01 -3.51
C TYR A 81 16.19 -10.62 -4.17
N LEU A 82 16.07 -10.92 -5.46
CA LEU A 82 14.80 -10.86 -6.14
C LEU A 82 14.15 -12.25 -6.11
N VAL A 83 12.94 -12.37 -5.58
CA VAL A 83 12.21 -13.62 -5.63
C VAL A 83 11.28 -13.60 -6.83
N PHE A 84 11.42 -14.58 -7.73
CA PHE A 84 10.56 -14.66 -8.90
C PHE A 84 9.76 -15.95 -8.88
N GLU A 85 8.61 -15.97 -9.57
CA GLU A 85 7.97 -17.25 -9.86
C GLU A 85 8.98 -18.10 -10.63
N PHE A 86 8.92 -19.42 -10.41
CA PHE A 86 9.83 -20.34 -11.06
C PHE A 86 9.20 -20.94 -12.33
N LEU A 87 10.01 -20.94 -13.39
CA LEU A 87 9.62 -21.60 -14.66
C LEU A 87 10.78 -22.56 -14.98
N HIS A 88 10.49 -23.82 -15.29
CA HIS A 88 11.53 -24.87 -15.41
C HIS A 88 12.46 -24.79 -16.63
N GLN A 89 12.00 -24.06 -17.72
CA GLN A 89 12.89 -24.05 -18.88
C GLN A 89 12.80 -22.73 -19.64
N ASP A 90 13.74 -22.49 -20.56
CA ASP A 90 13.66 -21.40 -21.51
C ASP A 90 13.48 -21.94 -22.94
N LEU A 91 13.07 -21.08 -23.86
CA LEU A 91 12.74 -21.46 -25.24
C LEU A 91 13.98 -21.98 -25.98
N LYS A 92 15.16 -21.44 -25.68
CA LYS A 92 16.37 -21.86 -26.37
C LYS A 92 16.64 -23.33 -26.05
N LYS A 93 16.61 -23.67 -24.76
CA LYS A 93 16.87 -25.02 -24.29
C LYS A 93 15.81 -25.97 -24.85
N PHE A 94 14.56 -25.51 -24.89
CA PHE A 94 13.50 -26.36 -25.41
C PHE A 94 13.78 -26.67 -26.88
N MET A 95 14.12 -25.63 -27.64
CA MET A 95 14.42 -25.80 -29.06
C MET A 95 15.58 -26.74 -29.32
N ASP A 96 16.65 -26.66 -28.51
CA ASP A 96 17.82 -27.50 -28.71
C ASP A 96 17.54 -28.93 -28.31
N ALA A 97 16.90 -29.12 -27.15
CA ALA A 97 16.97 -30.42 -26.51
C ALA A 97 15.77 -31.29 -26.93
N SER A 98 14.65 -30.65 -27.27
CA SER A 98 13.41 -31.39 -27.44
C SER A 98 12.84 -31.16 -28.84
N ALA A 99 13.23 -30.08 -29.49
CA ALA A 99 12.60 -29.76 -30.79
C ALA A 99 13.55 -30.11 -31.92
N LEU A 100 13.97 -31.36 -31.98
CA LEU A 100 14.88 -31.84 -33.05
C LEU A 100 14.04 -32.22 -34.28
N THR A 101 12.86 -32.80 -34.08
CA THR A 101 11.96 -33.06 -35.21
C THR A 101 11.13 -31.81 -35.42
N GLY A 102 11.24 -30.85 -34.49
CA GLY A 102 10.56 -29.57 -34.68
C GLY A 102 9.54 -29.23 -33.63
N ILE A 103 9.15 -27.96 -33.54
CA ILE A 103 8.06 -27.53 -32.68
C ILE A 103 6.79 -27.61 -33.53
N PRO A 104 5.76 -28.37 -33.12
CA PRO A 104 4.50 -28.43 -33.89
C PRO A 104 3.88 -27.04 -34.01
N LEU A 105 3.20 -26.78 -35.14
CA LEU A 105 2.61 -25.49 -35.46
C LEU A 105 1.69 -25.01 -34.33
N PRO A 106 0.79 -25.86 -33.78
CA PRO A 106 -0.09 -25.48 -32.66
C PRO A 106 0.65 -24.81 -31.52
N LEU A 107 1.82 -25.37 -31.16
CA LEU A 107 2.62 -24.90 -30.05
C LEU A 107 3.33 -23.59 -30.41
N ILE A 108 3.66 -23.44 -31.69
CA ILE A 108 4.31 -22.21 -32.14
C ILE A 108 3.29 -21.06 -32.09
N LYS A 109 2.05 -21.35 -32.53
CA LYS A 109 0.98 -20.37 -32.55
C LYS A 109 0.74 -19.89 -31.12
N SER A 110 0.53 -20.84 -30.22
CA SER A 110 0.28 -20.59 -28.81
C SER A 110 1.36 -19.73 -28.19
N TYR A 111 2.63 -20.13 -28.42
CA TYR A 111 3.77 -19.43 -27.82
C TYR A 111 3.83 -18.00 -28.36
N LEU A 112 3.73 -17.85 -29.70
CA LEU A 112 3.82 -16.52 -30.28
C LEU A 112 2.65 -15.65 -29.82
N PHE A 113 1.44 -16.23 -29.74
CA PHE A 113 0.26 -15.53 -29.27
C PHE A 113 0.45 -15.01 -27.83
N GLN A 114 1.01 -15.87 -26.96
CA GLN A 114 1.25 -15.46 -25.58
C GLN A 114 2.34 -14.40 -25.48
N LEU A 115 3.38 -14.51 -26.32
CA LEU A 115 4.48 -13.55 -26.31
C LEU A 115 3.97 -12.16 -26.68
N LEU A 116 3.08 -12.09 -27.67
CA LEU A 116 2.47 -10.86 -28.12
C LEU A 116 1.59 -10.25 -27.04
N GLN A 117 0.89 -11.11 -26.28
CA GLN A 117 0.10 -10.61 -25.16
C GLN A 117 1.03 -9.93 -24.17
N GLY A 118 2.07 -10.65 -23.73
CA GLY A 118 3.05 -10.11 -22.78
C GLY A 118 3.67 -8.80 -23.28
N LEU A 119 4.07 -8.79 -24.55
CA LEU A 119 4.71 -7.60 -25.10
C LEU A 119 3.76 -6.40 -25.18
N ALA A 120 2.53 -6.64 -25.65
CA ALA A 120 1.54 -5.58 -25.71
C ALA A 120 1.35 -4.98 -24.33
N PHE A 121 1.36 -5.82 -23.29
CA PHE A 121 1.14 -5.34 -21.94
C PHE A 121 2.30 -4.40 -21.56
N CYS A 122 3.54 -4.79 -21.90
CA CYS A 122 4.71 -3.95 -21.67
C CYS A 122 4.54 -2.59 -22.34
N HIS A 123 4.26 -2.61 -23.65
CA HIS A 123 4.15 -1.38 -24.42
C HIS A 123 3.01 -0.51 -23.90
N SER A 124 1.91 -1.13 -23.49
CA SER A 124 0.76 -0.44 -22.93
C SER A 124 1.11 0.22 -21.59
N HIS A 125 2.22 -0.22 -20.98
CA HIS A 125 2.70 0.26 -19.71
C HIS A 125 4.02 1.01 -19.88
N ARG A 126 4.22 1.60 -21.07
N ARG A 126 4.22 1.61 -21.06
CA ARG A 126 5.37 2.40 -21.44
CA ARG A 126 5.38 2.42 -21.40
C ARG A 126 6.70 1.73 -21.07
C ARG A 126 6.70 1.73 -21.05
N VAL A 127 6.82 0.41 -21.31
CA VAL A 127 8.04 -0.33 -21.05
C VAL A 127 8.53 -0.98 -22.36
N LEU A 128 9.78 -0.66 -22.78
CA LEU A 128 10.48 -1.41 -23.82
C LEU A 128 11.30 -2.52 -23.16
N HIS A 129 11.28 -3.73 -23.72
CA HIS A 129 12.07 -4.83 -23.16
C HIS A 129 13.55 -4.74 -23.59
N ARG A 130 13.78 -4.79 -24.91
CA ARG A 130 15.06 -4.45 -25.51
C ARG A 130 16.05 -5.60 -25.39
N ASP A 131 15.59 -6.81 -25.08
CA ASP A 131 16.48 -7.98 -25.10
C ASP A 131 15.65 -9.23 -25.29
N LEU A 132 14.64 -9.18 -26.18
CA LEU A 132 13.88 -10.38 -26.48
C LEU A 132 14.73 -11.35 -27.34
N LYS A 133 14.88 -12.56 -26.81
CA LYS A 133 15.62 -13.64 -27.43
C LYS A 133 15.17 -14.91 -26.72
N PRO A 134 15.36 -16.12 -27.30
CA PRO A 134 14.79 -17.34 -26.74
C PRO A 134 15.25 -17.69 -25.33
N GLN A 135 16.48 -17.27 -24.99
CA GLN A 135 17.09 -17.46 -23.70
C GLN A 135 16.30 -16.71 -22.60
N ASN A 136 15.54 -15.66 -22.98
CA ASN A 136 14.88 -14.76 -22.04
C ASN A 136 13.37 -15.02 -22.03
N LEU A 137 12.96 -16.15 -22.60
CA LEU A 137 11.56 -16.54 -22.65
C LEU A 137 11.42 -17.86 -21.93
N LEU A 138 10.73 -17.85 -20.79
CA LEU A 138 10.63 -19.00 -19.93
C LEU A 138 9.32 -19.75 -20.18
N ILE A 139 9.39 -21.08 -20.11
CA ILE A 139 8.24 -21.95 -20.30
C ILE A 139 8.03 -22.79 -19.05
N ASN A 140 6.75 -23.03 -18.71
CA ASN A 140 6.44 -23.90 -17.58
C ASN A 140 5.91 -25.23 -18.10
N THR A 141 5.53 -26.12 -17.19
CA THR A 141 4.99 -27.43 -17.54
C THR A 141 3.56 -27.33 -18.09
N GLU A 142 2.88 -26.20 -17.89
CA GLU A 142 1.48 -26.05 -18.27
C GLU A 142 1.29 -25.50 -19.69
N GLY A 143 2.40 -25.17 -20.37
CA GLY A 143 2.36 -24.65 -21.72
C GLY A 143 2.41 -23.13 -21.80
N ALA A 144 2.58 -22.45 -20.66
CA ALA A 144 2.77 -21.00 -20.67
C ALA A 144 4.20 -20.62 -21.09
N ILE A 145 4.35 -19.44 -21.69
CA ILE A 145 5.63 -18.86 -22.02
C ILE A 145 5.58 -17.40 -21.63
N LYS A 146 6.69 -16.88 -21.06
CA LYS A 146 6.63 -15.59 -20.37
C LYS A 146 7.92 -14.80 -20.63
N LEU A 147 7.78 -13.47 -20.81
CA LEU A 147 8.91 -12.58 -20.96
C LEU A 147 9.67 -12.55 -19.63
N ALA A 148 10.99 -12.68 -19.71
CA ALA A 148 11.86 -12.56 -18.54
C ALA A 148 13.06 -11.68 -18.88
N ASP A 149 13.85 -11.45 -17.83
CA ASP A 149 15.05 -10.63 -17.82
C ASP A 149 14.79 -9.20 -18.28
N PHE A 150 14.31 -8.38 -17.33
CA PHE A 150 14.03 -6.98 -17.62
C PHE A 150 15.21 -6.08 -17.27
N GLY A 151 16.42 -6.65 -17.14
CA GLY A 151 17.63 -5.89 -16.82
C GLY A 151 18.00 -4.85 -17.88
N LEU A 152 17.60 -5.09 -19.13
CA LEU A 152 17.84 -4.13 -20.19
C LEU A 152 16.62 -3.29 -20.55
N ALA A 153 15.54 -3.39 -19.77
CA ALA A 153 14.31 -2.70 -20.13
C ALA A 153 14.43 -1.21 -19.78
N ARG A 154 13.44 -0.46 -20.26
CA ARG A 154 13.45 0.99 -20.01
C ARG A 154 12.04 1.59 -20.05
N ALA A 155 11.73 2.43 -19.09
CA ALA A 155 10.48 3.18 -19.11
C ALA A 155 10.59 4.29 -20.15
N PHE A 156 9.67 4.32 -21.12
CA PHE A 156 9.76 5.33 -22.15
C PHE A 156 8.72 6.43 -21.92
N GLY A 157 8.99 7.58 -22.55
CA GLY A 157 8.07 8.70 -22.63
C GLY A 157 7.48 8.77 -24.03
N VAL A 158 6.47 9.63 -24.21
CA VAL A 158 5.74 9.71 -25.47
C VAL A 158 5.75 11.16 -25.94
N PRO A 159 6.38 11.52 -27.10
CA PRO A 159 7.16 10.59 -27.92
C PRO A 159 8.47 10.21 -27.25
N VAL A 160 9.11 9.16 -27.77
CA VAL A 160 10.37 8.66 -27.21
C VAL A 160 11.45 9.73 -27.38
N ARG A 161 12.44 9.62 -26.51
CA ARG A 161 13.64 10.47 -26.65
C ARG A 161 14.76 9.49 -27.03
N THR A 162 15.97 9.98 -27.20
CA THR A 162 17.11 9.11 -27.51
C THR A 162 17.44 8.28 -26.28
N TYR A 163 17.55 6.96 -26.45
CA TYR A 163 18.00 6.08 -25.36
C TYR A 163 19.33 5.39 -25.68
N TPO A 164 19.73 4.44 -24.85
CA TPO A 164 21.01 3.76 -25.03
CB TPO A 164 21.20 2.72 -23.92
CG2 TPO A 164 22.57 2.06 -23.99
OG1 TPO A 164 21.09 3.44 -22.63
P TPO A 164 19.82 3.16 -21.65
O1P TPO A 164 18.59 3.49 -22.46
O2P TPO A 164 20.08 4.06 -20.46
O3P TPO A 164 19.85 1.67 -21.36
C TPO A 164 21.01 3.10 -26.41
O TPO A 164 20.04 2.43 -26.78
N HIS A 165 22.11 3.30 -27.15
N HIS A 165 22.10 3.33 -27.15
CA HIS A 165 22.32 2.72 -28.47
CA HIS A 165 22.33 2.76 -28.49
C HIS A 165 22.82 1.27 -28.36
C HIS A 165 22.82 1.32 -28.37
N GLU A 166 22.58 0.51 -29.41
CA GLU A 166 23.22 -0.80 -29.60
C GLU A 166 22.71 -1.84 -28.60
N VAL A 167 21.58 -1.54 -27.96
CA VAL A 167 20.80 -2.50 -27.16
C VAL A 167 20.33 -3.65 -28.05
N VAL A 168 19.78 -4.69 -27.40
CA VAL A 168 19.31 -5.91 -28.04
C VAL A 168 20.52 -6.76 -28.42
N THR A 169 20.47 -8.04 -28.03
CA THR A 169 21.43 -9.02 -28.53
C THR A 169 21.42 -8.97 -30.07
N LEU A 170 22.62 -9.03 -30.63
CA LEU A 170 22.88 -8.68 -32.01
C LEU A 170 21.92 -9.44 -32.95
N TRP A 171 21.78 -10.76 -32.80
CA TRP A 171 21.00 -11.49 -33.79
C TRP A 171 19.55 -11.02 -33.83
N TYR A 172 19.09 -10.34 -32.76
CA TYR A 172 17.68 -10.01 -32.59
C TYR A 172 17.45 -8.51 -32.73
N ARG A 173 18.50 -7.77 -33.10
CA ARG A 173 18.51 -6.32 -33.14
C ARG A 173 17.95 -5.78 -34.45
N ALA A 174 17.09 -4.76 -34.32
CA ALA A 174 16.36 -4.16 -35.42
C ALA A 174 17.26 -3.28 -36.29
N PRO A 175 16.89 -3.09 -37.57
CA PRO A 175 17.73 -2.30 -38.49
C PRO A 175 17.89 -0.83 -38.11
N GLU A 176 16.88 -0.24 -37.48
CA GLU A 176 16.98 1.16 -37.06
C GLU A 176 18.06 1.35 -36.00
N ILE A 177 18.28 0.33 -35.16
CA ILE A 177 19.35 0.39 -34.18
C ILE A 177 20.69 0.23 -34.90
N LEU A 178 20.80 -0.79 -35.74
CA LEU A 178 22.01 -1.02 -36.51
C LEU A 178 22.41 0.20 -37.37
N LEU A 179 21.45 0.98 -37.84
CA LEU A 179 21.76 2.18 -38.63
C LEU A 179 21.90 3.44 -37.77
N GLY A 180 21.92 3.28 -36.44
CA GLY A 180 22.27 4.38 -35.55
C GLY A 180 21.19 5.46 -35.45
N CYS A 181 19.92 5.05 -35.62
N CYS A 181 19.92 5.09 -35.69
CA CYS A 181 18.71 5.84 -35.44
CA CYS A 181 18.84 6.07 -35.69
C CYS A 181 18.86 6.76 -34.23
C CYS A 181 18.80 6.76 -34.34
N LYS A 182 18.50 8.05 -34.38
CA LYS A 182 18.40 8.89 -33.19
C LYS A 182 17.33 8.34 -32.23
N TYR A 183 16.25 7.76 -32.78
CA TYR A 183 15.10 7.35 -32.00
C TYR A 183 14.69 5.94 -32.39
N TYR A 184 14.38 5.14 -31.37
CA TYR A 184 13.76 3.85 -31.59
C TYR A 184 12.62 3.70 -30.57
N SER A 185 11.69 2.79 -30.92
CA SER A 185 10.45 2.67 -30.16
C SER A 185 10.07 1.20 -30.02
N THR A 186 8.76 1.00 -29.87
CA THR A 186 8.13 -0.29 -29.59
C THR A 186 8.44 -1.29 -30.70
N ALA A 187 8.61 -0.78 -31.92
CA ALA A 187 8.89 -1.60 -33.07
C ALA A 187 10.18 -2.43 -32.91
N VAL A 188 11.10 -2.05 -32.02
CA VAL A 188 12.33 -2.83 -31.89
C VAL A 188 12.03 -4.16 -31.20
N ASP A 189 11.07 -4.16 -30.26
CA ASP A 189 10.67 -5.41 -29.62
C ASP A 189 9.93 -6.32 -30.61
N ILE A 190 9.15 -5.74 -31.51
CA ILE A 190 8.46 -6.52 -32.54
C ILE A 190 9.47 -7.20 -33.47
N TRP A 191 10.49 -6.45 -33.87
CA TRP A 191 11.53 -7.02 -34.72
C TRP A 191 12.09 -8.29 -34.07
N SER A 192 12.44 -8.21 -32.79
CA SER A 192 13.00 -9.36 -32.07
C SER A 192 12.04 -10.56 -32.11
N LEU A 193 10.76 -10.31 -31.82
CA LEU A 193 9.76 -11.38 -31.82
C LEU A 193 9.62 -12.00 -33.19
N GLY A 194 9.74 -11.17 -34.26
CA GLY A 194 9.72 -11.69 -35.62
C GLY A 194 10.88 -12.67 -35.85
N CYS A 195 12.08 -12.27 -35.42
CA CYS A 195 13.25 -13.13 -35.43
C CYS A 195 12.95 -14.42 -34.66
N ILE A 196 12.32 -14.30 -33.48
CA ILE A 196 12.01 -15.46 -32.65
C ILE A 196 10.96 -16.35 -33.35
N PHE A 197 9.94 -15.74 -33.99
CA PHE A 197 8.94 -16.52 -34.73
C PHE A 197 9.64 -17.40 -35.76
N ALA A 198 10.46 -16.81 -36.62
CA ALA A 198 11.17 -17.58 -37.64
C ALA A 198 11.97 -18.70 -36.98
N GLU A 199 12.62 -18.40 -35.84
CA GLU A 199 13.54 -19.31 -35.17
C GLU A 199 12.80 -20.52 -34.57
N MET A 200 11.58 -20.32 -34.10
CA MET A 200 10.77 -21.43 -33.61
C MET A 200 10.41 -22.39 -34.75
N VAL A 201 10.29 -21.88 -35.98
CA VAL A 201 9.86 -22.73 -37.08
C VAL A 201 11.05 -23.59 -37.56
N THR A 202 12.26 -22.99 -37.62
CA THR A 202 13.44 -23.62 -38.20
C THR A 202 14.38 -24.17 -37.12
N ARG A 203 14.33 -23.63 -35.92
CA ARG A 203 15.25 -24.03 -34.81
C ARG A 203 16.65 -23.44 -35.07
N ARG A 204 16.76 -22.45 -35.94
CA ARG A 204 18.02 -21.75 -36.13
C ARG A 204 17.77 -20.24 -36.22
N ALA A 205 18.75 -19.45 -35.81
CA ALA A 205 18.59 -18.00 -35.81
C ALA A 205 18.36 -17.50 -37.25
N LEU A 206 17.46 -16.53 -37.39
CA LEU A 206 17.17 -16.00 -38.70
C LEU A 206 18.36 -15.22 -39.27
N PHE A 207 18.96 -14.32 -38.47
CA PHE A 207 20.04 -13.47 -38.91
C PHE A 207 21.24 -13.58 -37.95
N PRO A 208 22.05 -14.64 -38.06
CA PRO A 208 23.17 -14.82 -37.14
C PRO A 208 24.45 -14.06 -37.52
N GLY A 209 24.47 -12.76 -37.34
CA GLY A 209 25.64 -11.95 -37.72
C GLY A 209 26.80 -12.05 -36.75
N ASP A 210 28.01 -11.77 -37.20
CA ASP A 210 29.22 -11.81 -36.34
C ASP A 210 29.64 -10.38 -36.04
N SER A 211 28.94 -9.42 -36.63
CA SER A 211 29.29 -8.00 -36.47
C SER A 211 28.06 -7.15 -36.78
N GLU A 212 28.08 -5.87 -36.42
CA GLU A 212 26.97 -4.96 -36.76
C GLU A 212 26.81 -4.90 -38.28
N ILE A 213 27.91 -4.77 -39.02
CA ILE A 213 27.78 -4.63 -40.46
C ILE A 213 27.40 -5.98 -41.10
N ASP A 214 27.92 -7.08 -40.56
CA ASP A 214 27.58 -8.42 -41.01
C ASP A 214 26.10 -8.69 -40.79
N GLN A 215 25.61 -8.22 -39.63
CA GLN A 215 24.21 -8.39 -39.27
C GLN A 215 23.31 -7.65 -40.26
N LEU A 216 23.67 -6.41 -40.60
CA LEU A 216 22.89 -5.63 -41.54
C LEU A 216 22.88 -6.37 -42.87
N PHE A 217 24.08 -6.81 -43.29
CA PHE A 217 24.25 -7.43 -44.60
C PHE A 217 23.37 -8.68 -44.65
N ARG A 218 23.34 -9.48 -43.57
CA ARG A 218 22.52 -10.68 -43.55
C ARG A 218 21.04 -10.32 -43.74
N ILE A 219 20.63 -9.21 -43.10
CA ILE A 219 19.25 -8.80 -43.13
C ILE A 219 18.92 -8.36 -44.55
N PHE A 220 19.79 -7.53 -45.13
CA PHE A 220 19.63 -7.02 -46.48
C PHE A 220 19.52 -8.15 -47.51
N ARG A 221 20.34 -9.19 -47.35
CA ARG A 221 20.32 -10.33 -48.31
C ARG A 221 18.97 -11.05 -48.25
N THR A 222 18.31 -11.07 -47.09
CA THR A 222 17.07 -11.80 -46.95
C THR A 222 15.87 -10.95 -47.37
N LEU A 223 15.84 -9.68 -46.96
CA LEU A 223 14.68 -8.84 -47.09
C LEU A 223 14.88 -7.81 -48.19
N GLY A 224 16.04 -7.83 -48.84
CA GLY A 224 16.48 -6.83 -49.82
C GLY A 224 17.09 -5.62 -49.12
N THR A 225 17.97 -4.91 -49.83
CA THR A 225 18.55 -3.69 -49.27
C THR A 225 17.46 -2.63 -49.32
N PRO A 226 17.13 -1.93 -48.21
CA PRO A 226 16.07 -0.93 -48.23
C PRO A 226 16.50 0.35 -48.96
N ASP A 227 15.52 0.94 -49.67
CA ASP A 227 15.69 2.22 -50.33
C ASP A 227 14.63 3.20 -49.81
N GLU A 228 14.50 4.37 -50.43
CA GLU A 228 13.58 5.41 -49.96
C GLU A 228 12.12 4.99 -50.14
N VAL A 229 11.83 4.07 -51.06
CA VAL A 229 10.50 3.61 -51.37
C VAL A 229 9.96 2.69 -50.27
N VAL A 230 10.78 1.73 -49.83
CA VAL A 230 10.32 0.82 -48.81
C VAL A 230 10.50 1.47 -47.43
N TRP A 231 11.42 2.45 -47.32
CA TRP A 231 11.71 2.98 -46.00
C TRP A 231 12.13 4.45 -46.10
N PRO A 232 11.18 5.41 -46.15
CA PRO A 232 11.53 6.83 -46.27
C PRO A 232 12.39 7.24 -45.07
N GLY A 233 13.49 7.97 -45.33
CA GLY A 233 14.45 8.27 -44.27
C GLY A 233 15.73 7.42 -44.31
N VAL A 234 15.64 6.17 -44.81
CA VAL A 234 16.68 5.18 -44.60
C VAL A 234 18.05 5.74 -45.03
N THR A 235 18.11 6.36 -46.22
CA THR A 235 19.38 6.75 -46.82
C THR A 235 19.95 7.99 -46.12
N SER A 236 19.22 8.59 -45.17
CA SER A 236 19.67 9.77 -44.46
C SER A 236 20.23 9.42 -43.09
N MET A 237 19.88 8.21 -42.63
CA MET A 237 20.25 7.71 -41.29
C MET A 237 21.75 7.85 -40.99
N PRO A 238 22.12 8.07 -39.72
CA PRO A 238 23.53 8.34 -39.38
C PRO A 238 24.52 7.32 -39.93
N ASP A 239 24.20 6.02 -39.82
CA ASP A 239 25.10 4.97 -40.25
C ASP A 239 24.71 4.31 -41.58
N TYR A 240 23.79 4.93 -42.33
CA TYR A 240 23.55 4.49 -43.69
C TYR A 240 24.73 4.91 -44.55
N LYS A 241 25.13 4.03 -45.45
CA LYS A 241 26.16 4.34 -46.41
C LYS A 241 25.64 4.06 -47.81
N PRO A 242 25.80 5.00 -48.77
CA PRO A 242 25.41 4.73 -50.16
C PRO A 242 26.16 3.58 -50.84
N SER A 243 27.38 3.27 -50.33
CA SER A 243 28.19 2.14 -50.77
C SER A 243 27.54 0.79 -50.43
N PHE A 244 26.52 0.76 -49.57
CA PHE A 244 25.92 -0.54 -49.21
C PHE A 244 25.55 -1.34 -50.47
N PRO A 245 25.88 -2.65 -50.55
CA PRO A 245 25.40 -3.48 -51.64
C PRO A 245 23.89 -3.45 -51.74
N LYS A 246 23.41 -3.52 -52.98
CA LYS A 246 21.99 -3.41 -53.25
C LYS A 246 21.43 -4.79 -53.57
N TRP A 247 20.98 -5.53 -52.55
CA TRP A 247 20.50 -6.90 -52.77
C TRP A 247 19.00 -6.88 -53.04
N ALA A 248 18.57 -7.74 -53.95
CA ALA A 248 17.15 -7.91 -54.27
C ALA A 248 16.42 -8.59 -53.12
N ARG A 249 15.18 -8.18 -52.87
CA ARG A 249 14.36 -8.83 -51.83
C ARG A 249 13.94 -10.22 -52.33
N GLN A 250 13.96 -11.23 -51.44
CA GLN A 250 13.60 -12.53 -51.96
C GLN A 250 12.15 -12.81 -51.63
N ASP A 251 11.51 -13.69 -52.42
N ASP A 251 11.53 -13.69 -52.43
CA ASP A 251 10.18 -14.16 -52.08
CA ASP A 251 10.20 -14.17 -52.10
C ASP A 251 10.24 -14.69 -50.65
C ASP A 251 10.26 -14.68 -50.66
N PHE A 252 9.28 -14.26 -49.84
CA PHE A 252 9.24 -14.52 -48.42
C PHE A 252 9.02 -16.00 -48.14
N SER A 253 8.48 -16.72 -49.14
CA SER A 253 8.25 -18.15 -49.02
C SER A 253 9.56 -18.92 -49.07
N LYS A 254 10.64 -18.22 -49.44
CA LYS A 254 11.97 -18.79 -49.45
C LYS A 254 12.63 -18.57 -48.09
N VAL A 255 12.25 -17.51 -47.37
CA VAL A 255 12.88 -17.20 -46.10
C VAL A 255 12.61 -18.29 -45.05
N VAL A 256 11.36 -18.76 -44.99
CA VAL A 256 10.96 -19.82 -44.07
C VAL A 256 10.03 -20.73 -44.85
N PRO A 257 10.61 -21.58 -45.73
CA PRO A 257 9.84 -22.42 -46.64
C PRO A 257 8.65 -23.14 -46.03
N PRO A 258 8.72 -23.72 -44.81
CA PRO A 258 7.57 -24.46 -44.28
C PRO A 258 6.41 -23.62 -43.73
N LEU A 259 6.51 -22.31 -43.81
CA LEU A 259 5.48 -21.44 -43.25
C LEU A 259 4.36 -21.28 -44.27
N ASP A 260 3.10 -21.44 -43.81
CA ASP A 260 1.88 -21.23 -44.57
C ASP A 260 1.66 -19.75 -44.88
N GLU A 261 0.68 -19.43 -45.70
CA GLU A 261 0.36 -18.06 -46.09
C GLU A 261 0.10 -17.11 -44.91
N ASP A 262 -0.67 -17.54 -43.90
CA ASP A 262 -0.97 -16.70 -42.76
C ASP A 262 0.32 -16.41 -42.00
N GLY A 263 1.13 -17.47 -41.81
CA GLY A 263 2.38 -17.30 -41.10
C GLY A 263 3.29 -16.31 -41.83
N ARG A 264 3.40 -16.42 -43.16
CA ARG A 264 4.30 -15.55 -43.90
C ARG A 264 3.81 -14.11 -43.82
N SER A 265 2.50 -13.92 -43.97
CA SER A 265 1.92 -12.61 -43.84
C SER A 265 2.33 -11.98 -42.49
N LEU A 266 2.16 -12.72 -41.40
CA LEU A 266 2.43 -12.16 -40.09
C LEU A 266 3.93 -11.87 -39.94
N LEU A 267 4.76 -12.85 -40.36
CA LEU A 267 6.20 -12.69 -40.26
C LEU A 267 6.65 -11.46 -41.04
N SER A 268 6.19 -11.32 -42.29
CA SER A 268 6.56 -10.17 -43.10
C SER A 268 6.20 -8.86 -42.38
N GLN A 269 5.10 -8.84 -41.63
CA GLN A 269 4.68 -7.57 -41.06
C GLN A 269 5.50 -7.25 -39.82
N MET A 270 6.03 -8.30 -39.16
CA MET A 270 6.90 -8.10 -38.01
C MET A 270 8.28 -7.58 -38.42
N LEU A 271 8.74 -7.96 -39.62
CA LEU A 271 10.07 -7.64 -40.13
C LEU A 271 10.01 -6.53 -41.19
N HIS A 272 8.95 -5.73 -41.20
CA HIS A 272 8.93 -4.56 -42.07
C HIS A 272 10.09 -3.63 -41.67
N TYR A 273 10.80 -3.13 -42.68
CA TYR A 273 11.91 -2.22 -42.52
C TYR A 273 11.47 -0.98 -41.75
N ASP A 274 10.49 -0.28 -42.33
CA ASP A 274 10.00 0.97 -41.78
C ASP A 274 9.45 0.69 -40.38
N PRO A 275 10.04 1.24 -39.28
CA PRO A 275 9.51 1.01 -37.94
C PRO A 275 8.05 1.44 -37.81
N ASN A 276 7.66 2.47 -38.59
CA ASN A 276 6.31 3.05 -38.59
C ASN A 276 5.26 2.12 -39.19
N LYS A 277 5.64 1.22 -40.12
CA LYS A 277 4.71 0.31 -40.78
C LYS A 277 4.70 -1.06 -40.12
N ARG A 278 5.77 -1.40 -39.39
CA ARG A 278 5.88 -2.69 -38.71
C ARG A 278 4.70 -2.84 -37.75
N ILE A 279 4.20 -4.08 -37.63
CA ILE A 279 2.95 -4.29 -36.91
C ILE A 279 3.22 -4.11 -35.42
N SER A 280 2.26 -3.59 -34.66
CA SER A 280 2.32 -3.55 -33.20
C SER A 280 1.88 -4.88 -32.62
N ALA A 281 2.27 -5.16 -31.36
CA ALA A 281 1.85 -6.37 -30.67
C ALA A 281 0.33 -6.45 -30.60
N LYS A 282 -0.27 -5.31 -30.25
CA LYS A 282 -1.72 -5.18 -30.14
C LYS A 282 -2.41 -5.64 -31.44
N ALA A 283 -1.95 -5.17 -32.61
CA ALA A 283 -2.64 -5.52 -33.87
C ALA A 283 -2.34 -6.95 -34.30
N ALA A 284 -1.13 -7.40 -33.96
CA ALA A 284 -0.69 -8.76 -34.30
C ALA A 284 -1.62 -9.79 -33.65
N LEU A 285 -2.20 -9.48 -32.48
CA LEU A 285 -3.05 -10.42 -31.77
C LEU A 285 -4.28 -10.77 -32.61
N ALA A 286 -4.66 -9.89 -33.55
CA ALA A 286 -5.84 -10.13 -34.35
C ALA A 286 -5.49 -10.79 -35.70
N HIS A 287 -4.21 -11.16 -35.91
CA HIS A 287 -3.83 -11.72 -37.20
C HIS A 287 -4.50 -13.08 -37.43
N PRO A 288 -4.98 -13.39 -38.65
CA PRO A 288 -5.57 -14.70 -38.95
C PRO A 288 -4.71 -15.91 -38.59
N PHE A 289 -3.39 -15.74 -38.52
CA PHE A 289 -2.52 -16.82 -38.10
C PHE A 289 -2.99 -17.43 -36.77
N PHE A 290 -3.61 -16.62 -35.91
CA PHE A 290 -4.03 -17.08 -34.59
C PHE A 290 -5.46 -17.60 -34.58
N GLN A 291 -6.15 -17.63 -35.73
CA GLN A 291 -7.56 -17.97 -35.73
C GLN A 291 -7.82 -19.28 -34.98
N ASP A 292 -6.85 -20.22 -34.98
CA ASP A 292 -7.16 -21.57 -34.47
C ASP A 292 -6.52 -21.89 -33.11
N VAL A 293 -5.91 -20.88 -32.46
CA VAL A 293 -5.30 -21.08 -31.12
C VAL A 293 -6.43 -21.26 -30.09
N THR A 294 -6.40 -22.36 -29.32
CA THR A 294 -7.47 -22.64 -28.34
C THR A 294 -6.88 -22.70 -26.95
N LYS A 295 -5.57 -22.99 -26.85
CA LYS A 295 -4.90 -23.12 -25.53
C LYS A 295 -5.42 -22.02 -24.59
N PRO A 296 -6.09 -22.38 -23.47
CA PRO A 296 -6.61 -21.38 -22.52
C PRO A 296 -5.58 -20.46 -21.87
N VAL A 297 -5.95 -19.17 -21.70
CA VAL A 297 -5.09 -18.12 -21.18
C VAL A 297 -4.59 -18.58 -19.81
N PRO A 298 -3.24 -18.59 -19.57
CA PRO A 298 -2.72 -18.80 -18.20
C PRO A 298 -3.40 -17.81 -17.24
N HIS A 299 -3.62 -18.25 -15.99
CA HIS A 299 -4.16 -17.39 -14.95
C HIS A 299 -3.03 -16.51 -14.40
N LEU A 300 -3.39 -15.32 -13.90
CA LEU A 300 -2.40 -14.41 -13.32
C LEU A 300 -1.81 -15.08 -12.07
N ARG A 301 -0.57 -14.74 -11.73
CA ARG A 301 0.04 -15.19 -10.48
C ARG A 301 -0.26 -14.18 -9.36
N LEU A 302 -0.22 -14.64 -8.10
CA LEU A 302 -0.16 -13.75 -6.95
C LEU A 302 1.29 -13.72 -6.44
N GLY B 1 4.16 8.85 -36.24
CA GLY B 1 4.64 7.47 -36.47
C GLY B 1 4.89 6.71 -35.16
N VAL B 2 5.70 5.63 -35.23
CA VAL B 2 5.85 4.74 -34.10
C VAL B 2 6.58 5.43 -32.93
N ASN B 3 7.36 6.50 -33.16
CA ASN B 3 8.03 7.17 -32.03
C ASN B 3 7.01 7.86 -31.11
N GLU B 4 5.79 8.05 -31.65
CA GLU B 4 4.66 8.58 -30.91
C GLU B 4 3.68 7.48 -30.51
N VAL B 5 4.06 6.22 -30.72
CA VAL B 5 3.32 5.02 -30.31
C VAL B 5 1.82 5.21 -30.46
N PRO B 6 1.29 5.36 -31.71
CA PRO B 6 -0.15 5.57 -31.90
C PRO B 6 -1.03 4.49 -31.27
N ASP B 7 -0.52 3.24 -31.25
CA ASP B 7 -1.25 2.07 -30.79
C ASP B 7 -1.28 1.98 -29.25
N TYR B 8 -0.51 2.84 -28.55
CA TYR B 8 -0.31 2.68 -27.11
C TYR B 8 -0.46 3.99 -26.34
N HIS B 9 -0.41 5.15 -27.03
CA HIS B 9 -0.33 6.41 -26.27
C HIS B 9 -1.52 6.60 -25.31
N GLU B 10 -2.72 6.17 -25.74
CA GLU B 10 -3.93 6.33 -24.94
C GLU B 10 -3.90 5.37 -23.76
N ASP B 11 -3.57 4.08 -24.00
CA ASP B 11 -3.30 3.20 -22.87
C ASP B 11 -2.30 3.83 -21.91
N ILE B 12 -1.21 4.40 -22.45
CA ILE B 12 -0.12 4.89 -21.61
C ILE B 12 -0.59 6.10 -20.81
N HIS B 13 -1.28 7.03 -21.47
CA HIS B 13 -1.87 8.18 -20.77
C HIS B 13 -2.75 7.73 -19.59
N THR B 14 -3.67 6.79 -19.84
CA THR B 14 -4.55 6.31 -18.78
C THR B 14 -3.75 5.74 -17.61
N TYR B 15 -2.69 4.98 -17.92
CA TYR B 15 -1.88 4.33 -16.90
C TYR B 15 -1.13 5.37 -16.07
N LEU B 16 -0.54 6.37 -16.76
CA LEU B 16 0.13 7.47 -16.07
C LEU B 16 -0.82 8.21 -15.12
N ARG B 17 -2.06 8.42 -15.57
CA ARG B 17 -3.06 9.10 -14.72
C ARG B 17 -3.25 8.30 -13.42
N GLU B 18 -3.43 6.98 -13.56
CA GLU B 18 -3.61 6.13 -12.39
C GLU B 18 -2.36 6.19 -11.48
N MET B 19 -1.17 6.17 -12.06
CA MET B 19 0.06 6.10 -11.27
C MET B 19 0.35 7.43 -10.58
N GLU B 20 0.02 8.57 -11.21
CA GLU B 20 0.33 9.83 -10.53
C GLU B 20 -0.42 9.90 -9.21
N VAL B 21 -1.64 9.33 -9.18
CA VAL B 21 -2.39 9.26 -7.93
C VAL B 21 -1.65 8.39 -6.91
N LYS B 22 -1.12 7.22 -7.31
CA LYS B 22 -0.42 6.36 -6.38
C LYS B 22 0.89 7.01 -5.92
N CYS B 23 1.59 7.70 -6.83
CA CYS B 23 2.90 8.28 -6.57
C CYS B 23 2.80 9.69 -5.99
N LYS B 24 1.61 10.07 -5.50
CA LYS B 24 1.42 11.47 -5.11
C LYS B 24 1.96 11.67 -3.70
N PRO B 25 2.76 12.74 -3.45
CA PRO B 25 3.19 13.07 -2.09
C PRO B 25 2.01 13.50 -1.24
N LYS B 26 2.15 13.48 0.08
CA LYS B 26 1.18 14.06 1.00
C LYS B 26 1.22 15.58 0.91
N VAL B 27 0.08 16.21 0.57
CA VAL B 27 -0.04 17.66 0.39
C VAL B 27 0.51 18.42 1.61
N GLY B 28 0.15 17.98 2.82
CA GLY B 28 0.51 18.80 3.97
C GLY B 28 1.73 18.29 4.74
N TYR B 29 2.68 17.67 4.20
CA TYR B 29 3.78 17.04 4.98
C TYR B 29 4.73 18.06 5.57
N MET B 30 4.85 19.25 4.89
CA MET B 30 5.87 20.16 5.38
C MET B 30 5.54 20.68 6.78
N LYS B 31 4.25 20.89 7.05
CA LYS B 31 3.82 21.33 8.38
C LYS B 31 4.21 20.30 9.43
N LYS B 32 4.27 19.02 9.03
CA LYS B 32 4.60 17.91 9.91
C LYS B 32 6.11 17.70 10.01
N GLN B 33 6.90 18.43 9.20
CA GLN B 33 8.35 18.41 9.32
C GLN B 33 8.81 19.48 10.31
N PRO B 34 9.33 19.10 11.49
CA PRO B 34 9.63 20.10 12.54
C PRO B 34 10.80 21.01 12.17
N ASP B 35 11.76 20.48 11.41
CA ASP B 35 13.02 21.16 11.23
C ASP B 35 13.22 21.70 9.80
N ILE B 36 12.29 21.42 8.88
CA ILE B 36 12.44 21.90 7.52
C ILE B 36 11.18 22.61 7.05
N THR B 37 11.38 23.50 6.04
CA THR B 37 10.40 24.49 5.60
C THR B 37 10.34 24.47 4.07
N ASN B 38 9.29 25.13 3.52
CA ASN B 38 9.15 25.23 2.09
C ASN B 38 10.40 25.89 1.47
N SER B 39 10.97 26.88 2.19
CA SER B 39 12.08 27.67 1.67
C SER B 39 13.35 26.81 1.60
N MET B 40 13.58 25.97 2.62
CA MET B 40 14.70 25.05 2.58
C MET B 40 14.58 24.08 1.41
N ARG B 41 13.37 23.59 1.15
CA ARG B 41 13.12 22.68 0.04
C ARG B 41 13.35 23.42 -1.27
N ALA B 42 12.89 24.67 -1.35
CA ALA B 42 13.06 25.49 -2.56
C ALA B 42 14.55 25.64 -2.87
N ILE B 43 15.35 25.90 -1.82
CA ILE B 43 16.78 25.98 -1.94
C ILE B 43 17.36 24.67 -2.50
N LEU B 44 16.88 23.54 -1.97
CA LEU B 44 17.39 22.24 -2.40
C LEU B 44 17.05 22.00 -3.87
N VAL B 45 15.78 22.25 -4.24
CA VAL B 45 15.38 21.95 -5.61
C VAL B 45 16.17 22.84 -6.58
N ASP B 46 16.35 24.12 -6.22
CA ASP B 46 17.07 25.01 -7.10
C ASP B 46 18.52 24.52 -7.29
N TRP B 47 19.14 24.04 -6.21
CA TRP B 47 20.47 23.44 -6.29
C TRP B 47 20.51 22.21 -7.18
N LEU B 48 19.48 21.34 -7.07
CA LEU B 48 19.37 20.20 -7.96
C LEU B 48 19.19 20.63 -9.41
N VAL B 49 18.52 21.77 -9.64
CA VAL B 49 18.42 22.30 -11.00
C VAL B 49 19.83 22.59 -11.53
N GLU B 50 20.70 23.16 -10.68
CA GLU B 50 22.06 23.48 -11.08
C GLU B 50 22.88 22.22 -11.32
N VAL B 51 22.71 21.21 -10.46
CA VAL B 51 23.43 19.95 -10.60
C VAL B 51 23.05 19.35 -11.96
N GLY B 52 21.78 19.41 -12.32
CA GLY B 52 21.35 18.88 -13.62
C GLY B 52 22.06 19.57 -14.76
N GLU B 53 22.21 20.88 -14.69
CA GLU B 53 22.82 21.63 -15.81
C GLU B 53 24.33 21.46 -15.75
N GLU B 54 24.88 21.31 -14.55
CA GLU B 54 26.30 21.06 -14.44
C GLU B 54 26.63 19.71 -15.08
N TYR B 55 25.75 18.71 -14.96
CA TYR B 55 26.10 17.39 -15.45
C TYR B 55 25.34 17.04 -16.72
N LYS B 56 24.61 18.01 -17.27
CA LYS B 56 23.90 17.87 -18.52
C LYS B 56 22.94 16.70 -18.42
N LEU B 57 22.18 16.61 -17.31
CA LEU B 57 21.22 15.54 -17.08
C LEU B 57 19.95 15.90 -17.82
N GLN B 58 19.07 14.92 -18.05
CA GLN B 58 17.77 15.18 -18.62
C GLN B 58 16.91 15.95 -17.61
N ASN B 59 16.01 16.78 -18.14
CA ASN B 59 15.00 17.41 -17.29
C ASN B 59 14.14 16.35 -16.59
N GLU B 60 13.88 15.24 -17.30
CA GLU B 60 13.08 14.15 -16.75
C GLU B 60 13.73 13.68 -15.44
N THR B 61 15.05 13.61 -15.44
CA THR B 61 15.79 13.13 -14.29
C THR B 61 15.51 14.03 -13.08
N LEU B 62 15.55 15.36 -13.34
CA LEU B 62 15.32 16.36 -12.33
C LEU B 62 13.93 16.17 -11.72
N HIS B 63 12.91 16.02 -12.59
CA HIS B 63 11.53 15.79 -12.14
C HIS B 63 11.36 14.50 -11.30
N LEU B 64 12.02 13.40 -11.70
CA LEU B 64 11.95 12.18 -10.93
C LEU B 64 12.52 12.43 -9.53
N ALA B 65 13.67 13.10 -9.46
CA ALA B 65 14.35 13.28 -8.17
C ALA B 65 13.44 14.02 -7.19
N VAL B 66 12.80 15.09 -7.67
CA VAL B 66 11.88 15.86 -6.84
C VAL B 66 10.74 14.95 -6.37
N ASN B 67 10.23 14.10 -7.28
CA ASN B 67 9.14 13.19 -6.92
C ASN B 67 9.60 12.30 -5.77
N TYR B 68 10.83 11.77 -5.89
CA TYR B 68 11.40 10.89 -4.87
C TYR B 68 11.54 11.64 -3.55
N ILE B 69 12.01 12.91 -3.60
CA ILE B 69 12.28 13.68 -2.40
C ILE B 69 10.98 13.90 -1.64
N ASP B 70 9.95 14.37 -2.38
CA ASP B 70 8.68 14.73 -1.78
C ASP B 70 7.99 13.47 -1.24
N ARG B 71 8.07 12.34 -1.94
CA ARG B 71 7.50 11.13 -1.35
C ARG B 71 8.27 10.73 -0.09
N PHE B 72 9.60 10.85 -0.11
CA PHE B 72 10.38 10.48 1.07
C PHE B 72 10.02 11.36 2.27
N LEU B 73 9.91 12.68 2.07
CA LEU B 73 9.63 13.61 3.14
C LEU B 73 8.18 13.50 3.60
N SER B 74 7.31 12.83 2.82
CA SER B 74 5.97 12.50 3.28
C SER B 74 5.96 11.47 4.43
N SER B 75 6.97 10.58 4.53
CA SER B 75 6.92 9.63 5.64
C SER B 75 8.13 9.69 6.58
N MET B 76 9.18 10.46 6.24
CA MET B 76 10.40 10.46 7.04
C MET B 76 10.76 11.88 7.47
N SER B 77 10.80 12.14 8.80
CA SER B 77 11.28 13.42 9.29
C SER B 77 12.79 13.51 9.06
N VAL B 78 13.28 14.69 8.63
CA VAL B 78 14.67 14.92 8.33
C VAL B 78 15.14 16.25 8.94
N LEU B 79 16.29 16.21 9.63
CA LEU B 79 16.91 17.42 10.14
C LEU B 79 17.52 18.23 8.99
N ARG B 80 17.55 19.57 9.12
CA ARG B 80 17.98 20.43 8.03
C ARG B 80 19.33 20.01 7.48
N GLY B 81 20.25 19.61 8.38
CA GLY B 81 21.59 19.15 8.04
C GLY B 81 21.62 17.92 7.12
N LYS B 82 20.49 17.21 7.01
CA LYS B 82 20.45 15.97 6.24
C LYS B 82 19.58 16.11 4.98
N LEU B 83 18.90 17.24 4.82
CA LEU B 83 18.03 17.41 3.66
C LEU B 83 18.83 17.21 2.36
N GLN B 84 20.05 17.77 2.29
CA GLN B 84 20.82 17.71 1.06
C GLN B 84 21.26 16.27 0.75
N LEU B 85 21.44 15.47 1.81
CA LEU B 85 21.81 14.08 1.65
C LEU B 85 20.65 13.32 1.01
N VAL B 86 19.41 13.63 1.42
CA VAL B 86 18.24 12.99 0.82
C VAL B 86 18.19 13.36 -0.65
N GLY B 87 18.36 14.65 -0.95
CA GLY B 87 18.29 15.15 -2.31
C GLY B 87 19.37 14.57 -3.22
N THR B 88 20.58 14.41 -2.67
CA THR B 88 21.68 13.81 -3.41
C THR B 88 21.37 12.37 -3.76
N ALA B 89 20.90 11.58 -2.77
CA ALA B 89 20.55 10.18 -3.01
C ALA B 89 19.39 10.12 -4.00
N ALA B 90 18.47 11.06 -3.89
CA ALA B 90 17.35 11.06 -4.81
C ALA B 90 17.84 11.27 -6.25
N MET B 91 18.76 12.22 -6.46
CA MET B 91 19.25 12.56 -7.79
C MET B 91 20.07 11.39 -8.36
N LEU B 92 20.82 10.70 -7.48
CA LEU B 92 21.57 9.54 -7.90
C LEU B 92 20.63 8.45 -8.46
N LEU B 93 19.56 8.17 -7.71
CA LEU B 93 18.63 7.12 -8.09
C LEU B 93 17.94 7.52 -9.40
N ALA B 94 17.57 8.80 -9.51
CA ALA B 94 16.89 9.28 -10.71
C ALA B 94 17.81 9.17 -11.91
N SER B 95 19.10 9.44 -11.71
CA SER B 95 20.07 9.34 -12.79
C SER B 95 20.27 7.89 -13.21
N LYS B 96 20.35 6.97 -12.25
CA LYS B 96 20.50 5.56 -12.57
C LYS B 96 19.28 5.05 -13.34
N PHE B 97 18.09 5.58 -13.03
CA PHE B 97 16.87 5.13 -13.68
C PHE B 97 16.78 5.70 -15.09
N GLU B 98 17.10 6.99 -15.24
CA GLU B 98 16.66 7.72 -16.43
C GLU B 98 17.80 8.02 -17.41
N GLU B 99 19.05 8.17 -16.92
CA GLU B 99 20.17 8.56 -17.76
C GLU B 99 20.80 7.38 -18.49
N ILE B 100 21.23 7.65 -19.73
CA ILE B 100 22.10 6.75 -20.44
C ILE B 100 23.43 6.63 -19.70
N TYR B 101 24.04 7.77 -19.34
CA TYR B 101 25.35 7.79 -18.68
C TYR B 101 25.22 8.52 -17.35
N PRO B 102 24.72 7.87 -16.28
CA PRO B 102 24.52 8.57 -15.01
C PRO B 102 25.90 8.95 -14.49
N PRO B 103 26.04 10.08 -13.74
CA PRO B 103 27.33 10.38 -13.12
C PRO B 103 27.64 9.31 -12.09
N GLU B 104 28.94 9.11 -11.87
CA GLU B 104 29.41 8.21 -10.84
C GLU B 104 29.06 8.79 -9.47
N VAL B 105 29.00 7.88 -8.49
CA VAL B 105 28.76 8.22 -7.09
C VAL B 105 29.76 9.29 -6.62
N ALA B 106 31.02 9.20 -7.07
CA ALA B 106 32.01 10.12 -6.53
C ALA B 106 31.68 11.56 -6.96
N GLU B 107 30.97 11.73 -8.06
CA GLU B 107 30.61 13.06 -8.50
C GLU B 107 29.46 13.61 -7.66
N PHE B 108 28.54 12.73 -7.26
CA PHE B 108 27.48 13.14 -6.34
C PHE B 108 28.06 13.50 -4.97
N VAL B 109 29.15 12.83 -4.55
CA VAL B 109 29.80 13.16 -3.29
C VAL B 109 30.45 14.53 -3.45
N TYR B 110 31.12 14.75 -4.59
CA TYR B 110 31.83 15.98 -4.92
C TYR B 110 30.92 17.22 -4.92
N ILE B 111 29.69 17.12 -5.45
CA ILE B 111 28.82 18.28 -5.61
C ILE B 111 28.28 18.73 -4.25
N THR B 112 28.38 17.88 -3.24
CA THR B 112 27.94 18.22 -1.88
C THR B 112 29.07 18.88 -1.12
N ASP B 113 30.11 19.31 -1.84
CA ASP B 113 31.30 19.96 -1.21
C ASP B 113 31.73 19.14 0.00
N ASP B 114 31.88 17.82 -0.18
CA ASP B 114 32.39 16.93 0.89
C ASP B 114 31.62 17.12 2.21
N THR B 115 30.36 17.51 2.16
CA THR B 115 29.53 17.58 3.37
C THR B 115 29.24 16.16 3.80
N TYR B 116 29.08 15.26 2.85
CA TYR B 116 28.75 13.85 3.15
C TYR B 116 29.78 12.93 2.54
N THR B 117 29.92 11.72 3.08
CA THR B 117 30.82 10.70 2.56
C THR B 117 30.10 9.79 1.56
N LYS B 118 30.91 9.04 0.80
CA LYS B 118 30.42 8.08 -0.16
C LYS B 118 29.56 7.04 0.55
N LYS B 119 30.00 6.60 1.72
CA LYS B 119 29.24 5.64 2.49
C LYS B 119 27.89 6.25 2.90
N GLN B 120 27.86 7.55 3.25
CA GLN B 120 26.60 8.16 3.61
C GLN B 120 25.62 8.23 2.42
N VAL B 121 26.14 8.66 1.26
CA VAL B 121 25.31 8.76 0.08
C VAL B 121 24.71 7.39 -0.25
N LEU B 122 25.53 6.33 -0.15
CA LEU B 122 25.10 4.99 -0.55
C LEU B 122 24.11 4.41 0.46
N ARG B 123 24.25 4.75 1.73
CA ARG B 123 23.28 4.26 2.75
C ARG B 123 21.97 5.01 2.57
N MET B 124 22.03 6.31 2.26
CA MET B 124 20.80 7.04 1.99
C MET B 124 20.14 6.51 0.71
N GLU B 125 20.93 6.10 -0.29
CA GLU B 125 20.38 5.48 -1.49
C GLU B 125 19.51 4.29 -1.07
N HIS B 126 20.08 3.41 -0.25
CA HIS B 126 19.35 2.21 0.21
C HIS B 126 18.07 2.61 0.95
N LEU B 127 18.18 3.56 1.87
CA LEU B 127 17.02 3.95 2.65
C LEU B 127 15.91 4.50 1.76
N VAL B 128 16.28 5.34 0.78
CA VAL B 128 15.26 5.89 -0.11
C VAL B 128 14.57 4.76 -0.88
N LEU B 129 15.35 3.79 -1.35
CA LEU B 129 14.78 2.65 -2.03
C LEU B 129 13.83 1.91 -1.11
N LYS B 130 14.17 1.79 0.18
CA LYS B 130 13.33 1.08 1.12
C LYS B 130 12.01 1.85 1.30
N VAL B 131 12.14 3.15 1.54
CA VAL B 131 10.99 4.00 1.80
C VAL B 131 10.04 4.03 0.60
N LEU B 132 10.57 4.04 -0.63
CA LEU B 132 9.75 4.13 -1.83
C LEU B 132 9.33 2.73 -2.30
N ALA B 133 9.87 1.70 -1.64
CA ALA B 133 9.74 0.30 -2.04
C ALA B 133 10.08 0.12 -3.52
N PHE B 134 11.12 0.83 -4.00
CA PHE B 134 11.60 0.78 -5.36
C PHE B 134 10.53 1.19 -6.38
N ASP B 135 9.48 1.93 -5.97
CA ASP B 135 8.51 2.43 -6.93
C ASP B 135 9.03 3.73 -7.53
N LEU B 136 9.96 3.58 -8.50
CA LEU B 136 10.73 4.70 -9.03
C LEU B 136 10.18 5.17 -10.38
N ALA B 137 9.33 4.37 -11.05
CA ALA B 137 8.79 4.75 -12.37
C ALA B 137 7.60 5.69 -12.25
N ALA B 138 7.85 6.87 -11.66
CA ALA B 138 6.80 7.83 -11.37
C ALA B 138 6.52 8.69 -12.61
N PRO B 139 5.24 8.97 -12.88
CA PRO B 139 4.83 9.99 -13.84
C PRO B 139 5.29 11.37 -13.40
N THR B 140 5.76 12.16 -14.37
CA THR B 140 6.20 13.52 -14.10
C THR B 140 5.39 14.50 -14.95
N ILE B 141 5.57 15.79 -14.66
CA ILE B 141 4.98 16.83 -15.47
C ILE B 141 5.46 16.61 -16.91
N ASN B 142 6.73 16.22 -17.10
CA ASN B 142 7.28 16.16 -18.45
C ASN B 142 6.64 15.06 -19.28
N GLN B 143 6.33 13.93 -18.65
CA GLN B 143 5.72 12.82 -19.38
C GLN B 143 4.36 13.24 -19.96
N PHE B 144 3.62 14.07 -19.21
CA PHE B 144 2.36 14.59 -19.68
C PHE B 144 2.55 15.64 -20.77
N LEU B 145 3.46 16.59 -20.54
CA LEU B 145 3.76 17.70 -21.46
C LEU B 145 4.08 17.21 -22.88
N THR B 146 4.99 16.23 -22.97
CA THR B 146 5.44 15.75 -24.26
C THR B 146 4.23 15.18 -25.01
N GLN B 147 3.29 14.54 -24.30
CA GLN B 147 2.10 14.03 -24.98
C GLN B 147 1.19 15.17 -25.42
N TYR B 148 1.06 16.17 -24.55
CA TYR B 148 0.14 17.26 -24.86
C TYR B 148 0.69 18.03 -26.08
N PHE B 149 2.02 18.02 -26.23
CA PHE B 149 2.69 18.75 -27.31
C PHE B 149 2.23 18.22 -28.66
N LEU B 150 1.91 16.94 -28.73
CA LEU B 150 1.46 16.33 -29.98
C LEU B 150 0.13 16.92 -30.46
N HIS B 151 -0.52 17.77 -29.64
CA HIS B 151 -1.80 18.36 -30.00
C HIS B 151 -1.63 19.79 -30.54
N GLN B 152 -0.40 20.30 -30.68
CA GLN B 152 -0.23 21.62 -31.28
C GLN B 152 -0.41 21.55 -32.80
N GLN B 153 -1.07 22.58 -33.35
CA GLN B 153 -1.27 22.69 -34.80
C GLN B 153 -0.80 24.06 -35.29
N PRO B 154 0.45 24.18 -35.86
CA PRO B 154 1.46 23.11 -35.83
C PRO B 154 2.46 23.23 -34.67
N ALA B 155 3.41 22.30 -34.58
CA ALA B 155 4.39 22.31 -33.50
C ALA B 155 5.11 23.66 -33.43
N ASN B 156 5.41 24.11 -32.20
CA ASN B 156 6.06 25.40 -31.97
C ASN B 156 7.02 25.23 -30.79
N CYS B 157 8.32 25.47 -31.03
N CYS B 157 8.34 25.44 -31.05
CA CYS B 157 9.37 25.10 -30.08
CA CYS B 157 9.46 25.15 -30.15
C CYS B 157 9.42 26.07 -28.90
C CYS B 157 9.47 26.09 -28.93
N LYS B 158 9.02 27.33 -29.14
CA LYS B 158 8.91 28.32 -28.07
C LYS B 158 7.82 27.93 -27.06
N VAL B 159 6.67 27.50 -27.59
CA VAL B 159 5.59 26.95 -26.78
C VAL B 159 6.11 25.78 -25.94
N GLU B 160 6.71 24.79 -26.60
CA GLU B 160 7.20 23.60 -25.91
C GLU B 160 8.19 23.98 -24.81
N SER B 161 9.19 24.82 -25.14
CA SER B 161 10.20 25.22 -24.17
C SER B 161 9.59 26.04 -23.03
N LEU B 162 8.61 26.90 -23.35
CA LEU B 162 8.01 27.74 -22.32
C LEU B 162 7.20 26.86 -21.35
N ALA B 163 6.43 25.91 -21.88
CA ALA B 163 5.72 24.98 -21.02
C ALA B 163 6.69 24.26 -20.09
N MET B 164 7.84 23.82 -20.62
CA MET B 164 8.77 23.04 -19.82
C MET B 164 9.27 23.92 -18.67
N PHE B 165 9.54 25.19 -18.99
CA PHE B 165 10.03 26.16 -18.04
C PHE B 165 9.06 26.34 -16.88
N LEU B 166 7.78 26.53 -17.24
CA LEU B 166 6.76 26.80 -16.26
C LEU B 166 6.58 25.58 -15.37
N GLY B 167 6.64 24.39 -15.98
CA GLY B 167 6.57 23.16 -15.24
C GLY B 167 7.73 23.06 -14.25
N GLU B 168 8.94 23.44 -14.68
CA GLU B 168 10.08 23.35 -13.78
C GLU B 168 9.95 24.34 -12.62
N LEU B 169 9.48 25.56 -12.90
CA LEU B 169 9.26 26.55 -11.86
C LEU B 169 8.44 25.98 -10.73
N SER B 170 7.41 25.19 -11.07
CA SER B 170 6.48 24.65 -10.08
C SER B 170 7.17 23.66 -9.13
N LEU B 171 8.28 23.06 -9.57
CA LEU B 171 8.98 22.13 -8.71
C LEU B 171 9.54 22.84 -7.47
N ILE B 172 9.73 24.18 -7.55
CA ILE B 172 10.46 24.90 -6.53
C ILE B 172 9.60 25.10 -5.28
N ASP B 173 8.28 25.24 -5.48
CA ASP B 173 7.40 25.81 -4.48
C ASP B 173 6.37 24.77 -4.04
N ALA B 174 6.64 24.08 -2.95
CA ALA B 174 5.71 23.06 -2.43
C ALA B 174 4.35 23.71 -2.23
N ASP B 175 4.35 24.95 -1.73
CA ASP B 175 3.09 25.72 -1.66
C ASP B 175 3.11 26.69 -2.83
N PRO B 176 2.22 26.54 -3.83
CA PRO B 176 1.11 25.59 -3.73
C PRO B 176 1.09 24.35 -4.59
N TYR B 177 2.20 23.98 -5.22
CA TYR B 177 2.15 22.91 -6.25
C TYR B 177 1.99 21.51 -5.68
N LEU B 178 2.37 21.28 -4.43
CA LEU B 178 2.09 19.95 -3.88
C LEU B 178 0.61 19.59 -4.05
N LYS B 179 -0.27 20.60 -4.11
CA LYS B 179 -1.71 20.39 -4.21
C LYS B 179 -2.10 19.80 -5.56
N TYR B 180 -1.23 19.93 -6.57
CA TYR B 180 -1.62 19.57 -7.92
C TYR B 180 -0.83 18.36 -8.43
N LEU B 181 -1.57 17.50 -9.12
CA LEU B 181 -1.08 16.32 -9.84
C LEU B 181 -0.23 16.78 -11.02
N PRO B 182 0.85 16.05 -11.35
CA PRO B 182 1.64 16.37 -12.54
C PRO B 182 0.84 16.68 -13.81
N SER B 183 -0.24 15.92 -14.02
CA SER B 183 -0.97 16.00 -15.27
C SER B 183 -1.68 17.35 -15.39
N VAL B 184 -2.08 17.89 -14.22
CA VAL B 184 -2.79 19.15 -14.10
C VAL B 184 -1.80 20.32 -14.22
N ILE B 185 -0.63 20.24 -13.57
CA ILE B 185 0.32 21.33 -13.71
C ILE B 185 0.79 21.39 -15.17
N ALA B 186 0.97 20.21 -15.76
CA ALA B 186 1.38 20.15 -17.16
C ALA B 186 0.32 20.83 -18.01
N ALA B 187 -0.96 20.63 -17.67
CA ALA B 187 -2.03 21.17 -18.49
C ALA B 187 -1.99 22.69 -18.39
N ALA B 188 -1.86 23.18 -17.16
CA ALA B 188 -1.85 24.61 -16.92
C ALA B 188 -0.65 25.22 -17.65
N ALA B 189 0.51 24.57 -17.52
CA ALA B 189 1.76 25.05 -18.10
C ALA B 189 1.64 25.14 -19.62
N PHE B 190 1.05 24.10 -20.22
CA PHE B 190 0.90 24.03 -21.67
C PHE B 190 -0.05 25.14 -22.13
N HIS B 191 -1.14 25.34 -21.39
CA HIS B 191 -2.11 26.35 -21.78
C HIS B 191 -1.48 27.73 -21.65
N LEU B 192 -0.74 27.92 -20.55
CA LEU B 192 -0.16 29.23 -20.30
C LEU B 192 0.89 29.55 -21.36
N ALA B 193 1.71 28.56 -21.72
CA ALA B 193 2.75 28.75 -22.72
C ALA B 193 2.14 29.10 -24.08
N LEU B 194 1.14 28.31 -24.46
CA LEU B 194 0.44 28.46 -25.74
C LEU B 194 -0.20 29.84 -25.82
N TYR B 195 -0.90 30.22 -24.75
CA TYR B 195 -1.50 31.54 -24.73
C TYR B 195 -0.44 32.63 -24.86
N THR B 196 0.67 32.50 -24.12
CA THR B 196 1.68 33.55 -24.06
C THR B 196 2.28 33.78 -25.44
N VAL B 197 2.62 32.68 -26.14
CA VAL B 197 3.35 32.74 -27.39
C VAL B 197 2.43 33.01 -28.57
N THR B 198 1.26 32.33 -28.61
CA THR B 198 0.43 32.33 -29.82
C THR B 198 -0.92 33.01 -29.62
N GLY B 199 -1.35 33.19 -28.37
CA GLY B 199 -2.68 33.73 -28.13
C GLY B 199 -3.74 32.63 -28.08
N GLN B 200 -3.40 31.39 -28.45
CA GLN B 200 -4.36 30.30 -28.52
C GLN B 200 -4.58 29.72 -27.14
N SER B 201 -5.56 28.80 -27.01
CA SER B 201 -5.93 28.21 -25.72
C SER B 201 -5.94 26.67 -25.76
N TRP B 202 -5.88 26.05 -24.56
CA TRP B 202 -6.12 24.64 -24.30
C TRP B 202 -7.02 24.04 -25.39
N PRO B 203 -6.50 23.19 -26.29
CA PRO B 203 -7.30 22.67 -27.40
C PRO B 203 -8.38 21.69 -26.96
N GLU B 204 -9.51 21.71 -27.69
CA GLU B 204 -10.60 20.76 -27.49
C GLU B 204 -10.08 19.33 -27.58
N SER B 205 -9.10 19.07 -28.46
CA SER B 205 -8.58 17.73 -28.61
C SER B 205 -7.97 17.23 -27.29
N LEU B 206 -7.50 18.15 -26.45
CA LEU B 206 -6.90 17.77 -25.18
C LEU B 206 -7.98 17.65 -24.10
N VAL B 207 -9.07 18.40 -24.27
CA VAL B 207 -10.28 18.14 -23.49
C VAL B 207 -10.72 16.70 -23.74
N GLN B 208 -10.68 16.24 -24.99
CA GLN B 208 -11.10 14.88 -25.30
C GLN B 208 -10.19 13.87 -24.61
N LYS B 209 -8.87 14.12 -24.69
CA LYS B 209 -7.90 13.19 -24.17
C LYS B 209 -7.96 13.16 -22.64
N THR B 210 -7.98 14.33 -21.99
CA THR B 210 -7.67 14.42 -20.57
C THR B 210 -8.94 14.52 -19.72
N GLY B 211 -10.03 14.98 -20.32
CA GLY B 211 -11.24 15.35 -19.60
C GLY B 211 -11.12 16.68 -18.84
N TYR B 212 -9.97 17.37 -18.94
CA TYR B 212 -9.78 18.64 -18.27
C TYR B 212 -10.18 19.79 -19.20
N THR B 213 -10.79 20.83 -18.61
CA THR B 213 -11.18 22.05 -19.28
C THR B 213 -10.49 23.21 -18.58
N LEU B 214 -10.58 24.39 -19.19
CA LEU B 214 -10.08 25.61 -18.56
C LEU B 214 -10.73 25.84 -17.20
N GLU B 215 -11.98 25.38 -17.02
CA GLU B 215 -12.63 25.48 -15.71
C GLU B 215 -11.88 24.63 -14.69
N THR B 216 -11.58 23.37 -15.05
CA THR B 216 -10.96 22.47 -14.09
C THR B 216 -9.53 22.90 -13.80
N LEU B 217 -8.86 23.53 -14.79
CA LEU B 217 -7.48 23.97 -14.68
C LEU B 217 -7.34 25.32 -13.98
N LYS B 218 -8.44 26.07 -13.86
CA LYS B 218 -8.42 27.48 -13.48
C LYS B 218 -7.58 27.71 -12.22
N PRO B 219 -7.82 26.99 -11.10
CA PRO B 219 -7.02 27.20 -9.88
C PRO B 219 -5.51 27.12 -10.09
N CYS B 220 -5.05 26.02 -10.70
CA CYS B 220 -3.66 25.82 -11.03
C CYS B 220 -3.14 26.96 -11.92
N LEU B 221 -3.88 27.28 -12.99
CA LEU B 221 -3.55 28.35 -13.91
C LEU B 221 -3.31 29.65 -13.17
N LEU B 222 -4.16 29.98 -12.17
CA LEU B 222 -4.02 31.22 -11.44
C LEU B 222 -2.74 31.20 -10.60
N ASP B 223 -2.36 30.03 -10.06
CA ASP B 223 -1.12 29.94 -9.30
C ASP B 223 0.09 30.04 -10.22
N LEU B 224 0.07 29.31 -11.33
CA LEU B 224 1.19 29.28 -12.25
C LEU B 224 1.41 30.67 -12.84
N HIS B 225 0.29 31.37 -13.08
CA HIS B 225 0.36 32.68 -13.71
C HIS B 225 1.05 33.66 -12.78
N GLN B 226 0.71 33.60 -11.48
CA GLN B 226 1.34 34.41 -10.45
C GLN B 226 2.81 34.00 -10.36
N THR B 227 3.08 32.69 -10.32
CA THR B 227 4.47 32.23 -10.26
C THR B 227 5.29 32.81 -11.41
N TYR B 228 4.74 32.75 -12.63
CA TYR B 228 5.40 33.29 -13.81
C TYR B 228 5.63 34.80 -13.70
N LEU B 229 4.62 35.54 -13.20
CA LEU B 229 4.73 36.98 -13.04
C LEU B 229 5.82 37.33 -12.04
N ARG B 230 5.95 36.55 -10.96
CA ARG B 230 6.84 36.89 -9.87
C ARG B 230 8.26 36.34 -10.09
N ALA B 231 8.47 35.63 -11.19
CA ALA B 231 9.63 34.75 -11.28
C ALA B 231 10.95 35.54 -11.21
N PRO B 232 11.05 36.75 -11.82
CA PRO B 232 12.25 37.57 -11.67
C PRO B 232 12.56 37.98 -10.23
N GLN B 233 11.57 37.89 -9.34
CA GLN B 233 11.72 38.34 -7.97
C GLN B 233 12.04 37.18 -7.03
N HIS B 234 11.75 35.95 -7.45
CA HIS B 234 11.84 34.79 -6.56
C HIS B 234 13.27 34.64 -6.09
N ALA B 235 13.45 34.17 -4.86
CA ALA B 235 14.77 33.95 -4.27
C ALA B 235 15.61 32.95 -5.07
N GLN B 236 14.98 31.96 -5.72
CA GLN B 236 15.68 30.97 -6.51
C GLN B 236 15.61 31.31 -8.00
N GLN B 237 16.78 31.39 -8.65
CA GLN B 237 16.87 31.90 -10.02
C GLN B 237 17.47 30.88 -11.00
N SER B 238 17.80 29.68 -10.54
CA SER B 238 18.58 28.75 -11.37
C SER B 238 17.80 28.31 -12.61
N ILE B 239 16.48 28.18 -12.50
CA ILE B 239 15.68 27.78 -13.64
C ILE B 239 15.61 28.91 -14.68
N ARG B 240 15.39 30.14 -14.23
CA ARG B 240 15.37 31.23 -15.19
C ARG B 240 16.69 31.32 -15.94
N GLU B 241 17.82 31.16 -15.19
CA GLU B 241 19.14 31.23 -15.80
C GLU B 241 19.25 30.12 -16.84
N LYS B 242 18.83 28.90 -16.47
CA LYS B 242 18.95 27.76 -17.35
C LYS B 242 18.18 28.02 -18.64
N TYR B 243 16.97 28.57 -18.51
CA TYR B 243 16.12 28.73 -19.68
C TYR B 243 16.42 30.01 -20.45
N LYS B 244 17.47 30.77 -20.08
CA LYS B 244 17.97 31.84 -20.95
C LYS B 244 18.76 31.26 -22.13
N ASN B 245 19.18 29.99 -22.00
CA ASN B 245 20.01 29.30 -22.96
C ASN B 245 19.25 29.06 -24.26
N SER B 246 20.01 29.03 -25.38
CA SER B 246 19.43 28.86 -26.69
C SER B 246 18.87 27.44 -26.89
N LYS B 247 19.37 26.49 -26.12
CA LYS B 247 18.86 25.13 -26.12
C LYS B 247 17.37 25.12 -25.76
N TYR B 248 16.95 26.10 -24.95
CA TYR B 248 15.54 26.22 -24.58
C TYR B 248 14.93 27.46 -25.22
N HIS B 249 15.55 27.92 -26.32
CA HIS B 249 14.96 28.96 -27.15
C HIS B 249 14.82 30.27 -26.38
N GLY B 250 15.58 30.43 -25.30
CA GLY B 250 15.68 31.68 -24.56
C GLY B 250 14.36 32.07 -23.89
N VAL B 251 13.49 31.09 -23.59
CA VAL B 251 12.10 31.35 -23.25
C VAL B 251 11.94 32.12 -21.93
N SER B 252 12.92 32.04 -21.03
CA SER B 252 12.76 32.72 -19.75
C SER B 252 12.85 34.24 -19.95
N LEU B 253 13.26 34.66 -21.14
CA LEU B 253 13.32 36.07 -21.51
C LEU B 253 12.00 36.55 -22.09
N LEU B 254 11.07 35.64 -22.42
CA LEU B 254 9.75 36.06 -22.91
C LEU B 254 9.01 36.84 -21.82
N ASN B 255 8.12 37.75 -22.22
CA ASN B 255 7.31 38.49 -21.26
C ASN B 255 6.04 37.72 -20.93
N PRO B 256 5.74 37.49 -19.62
CA PRO B 256 4.46 36.87 -19.25
C PRO B 256 3.31 37.82 -19.62
N PRO B 257 2.10 37.29 -19.95
CA PRO B 257 0.94 38.16 -20.22
C PRO B 257 0.43 38.74 -18.90
N GLU B 258 -0.10 39.97 -18.96
CA GLU B 258 -0.58 40.66 -17.77
C GLU B 258 -1.84 39.97 -17.21
N THR B 259 -2.67 39.41 -18.11
CA THR B 259 -3.95 38.79 -17.79
C THR B 259 -4.18 37.53 -18.66
N LEU B 260 -5.03 36.63 -18.18
CA LEU B 260 -5.38 35.40 -18.88
C LEU B 260 -6.75 35.45 -19.55
N ASN B 261 -7.57 36.47 -19.23
CA ASN B 261 -8.92 36.58 -19.75
C ASN B 261 -9.65 35.24 -19.63
N VAL B 262 -10.00 34.88 -18.40
CA VAL B 262 -10.72 33.65 -18.08
C VAL B 262 -9.82 32.44 -18.35
N SER C 4 19.34 -4.11 9.44
CA SER C 4 17.91 -3.89 9.81
C SER C 4 17.79 -2.66 10.71
N MET C 5 18.56 -2.70 11.81
CA MET C 5 18.64 -1.65 12.80
C MET C 5 19.95 -0.88 12.66
N GLU C 6 20.66 -1.12 11.56
CA GLU C 6 21.96 -0.50 11.34
C GLU C 6 21.88 1.03 11.35
N ASN C 7 20.77 1.61 10.88
CA ASN C 7 20.71 3.06 10.76
C ASN C 7 20.32 3.73 12.09
N PHE C 8 20.01 2.94 13.13
CA PHE C 8 19.68 3.49 14.43
C PHE C 8 20.88 3.42 15.38
N GLN C 9 21.19 4.56 16.03
CA GLN C 9 22.15 4.63 17.11
C GLN C 9 21.40 4.83 18.43
N LYS C 10 21.54 3.87 19.36
CA LYS C 10 20.95 3.96 20.68
C LYS C 10 21.58 5.11 21.43
N VAL C 11 20.76 5.89 22.14
CA VAL C 11 21.25 7.07 22.84
C VAL C 11 21.19 6.83 24.37
N GLU C 12 20.03 6.39 24.83
CA GLU C 12 19.84 6.15 26.28
C GLU C 12 18.56 5.34 26.52
N LYS C 13 18.43 4.79 27.71
CA LYS C 13 17.18 4.08 28.07
C LYS C 13 16.13 5.12 28.43
N ILE C 14 14.96 5.06 27.81
CA ILE C 14 13.88 6.00 28.17
C ILE C 14 13.22 5.39 29.40
N GLY C 15 13.13 4.07 29.41
CA GLY C 15 12.49 3.37 30.53
C GLY C 15 12.21 1.93 30.18
N GLU C 16 11.31 1.29 30.94
CA GLU C 16 10.99 -0.13 30.72
C GLU C 16 9.50 -0.26 30.42
N GLY C 17 9.09 -1.40 29.89
CA GLY C 17 7.68 -1.56 29.50
C GLY C 17 7.26 -3.00 29.48
N THR C 18 6.16 -3.30 28.78
CA THR C 18 5.60 -4.66 28.79
C THR C 18 6.54 -5.62 28.09
N TYR C 19 7.28 -5.13 27.09
CA TYR C 19 8.13 -5.98 26.26
C TYR C 19 9.58 -6.02 26.77
N GLY C 20 9.99 -4.95 27.46
CA GLY C 20 11.32 -4.84 27.99
C GLY C 20 11.72 -3.38 28.04
N VAL C 21 12.97 -3.09 27.67
CA VAL C 21 13.43 -1.71 27.69
C VAL C 21 12.98 -0.98 26.42
N VAL C 22 12.72 0.31 26.62
CA VAL C 22 12.40 1.28 25.58
C VAL C 22 13.60 2.21 25.54
N TYR C 23 14.21 2.37 24.36
CA TYR C 23 15.37 3.21 24.21
C TYR C 23 15.00 4.42 23.34
N LYS C 24 15.62 5.55 23.66
CA LYS C 24 15.75 6.67 22.77
C LYS C 24 16.87 6.34 21.79
N ALA C 25 16.67 6.70 20.53
CA ALA C 25 17.63 6.42 19.46
C ALA C 25 17.59 7.52 18.41
N ARG C 26 18.61 7.51 17.56
CA ARG C 26 18.75 8.50 16.53
C ARG C 26 18.93 7.78 15.19
N ASN C 27 18.14 8.19 14.18
CA ASN C 27 18.34 7.78 12.79
C ASN C 27 19.60 8.46 12.25
N LYS C 28 20.64 7.70 11.92
CA LYS C 28 21.94 8.29 11.62
C LYS C 28 21.94 8.97 10.26
N LEU C 29 20.96 8.60 9.41
CA LEU C 29 20.86 9.14 8.07
C LEU C 29 19.97 10.39 8.05
N THR C 30 18.88 10.43 8.83
CA THR C 30 17.96 11.55 8.76
C THR C 30 18.12 12.51 9.96
N GLY C 31 18.74 12.06 11.05
CA GLY C 31 18.78 12.88 12.26
C GLY C 31 17.53 12.75 13.14
N GLU C 32 16.53 11.99 12.68
CA GLU C 32 15.31 11.84 13.47
C GLU C 32 15.63 11.10 14.78
N VAL C 33 15.11 11.65 15.89
CA VAL C 33 15.20 11.00 17.17
C VAL C 33 13.92 10.18 17.37
N VAL C 34 14.07 8.93 17.84
CA VAL C 34 12.94 8.02 17.93
C VAL C 34 12.98 7.32 19.30
N ALA C 35 11.89 6.62 19.62
CA ALA C 35 11.90 5.64 20.69
C ALA C 35 11.72 4.26 20.06
N LEU C 36 12.57 3.32 20.51
CA LEU C 36 12.56 1.93 20.07
C LEU C 36 12.03 1.03 21.20
N LYS C 37 10.94 0.31 20.90
CA LYS C 37 10.52 -0.82 21.71
C LYS C 37 11.07 -2.12 21.12
N LYS C 38 11.75 -2.92 21.94
CA LYS C 38 12.29 -4.18 21.50
C LYS C 38 11.40 -5.27 22.09
N ILE C 39 10.81 -6.10 21.22
CA ILE C 39 9.92 -7.17 21.64
C ILE C 39 10.56 -8.50 21.28
N ARG C 40 10.89 -9.30 22.30
CA ARG C 40 11.47 -10.61 22.06
C ARG C 40 10.35 -11.53 21.62
N LEU C 41 10.60 -12.20 20.50
CA LEU C 41 9.68 -13.20 19.98
C LEU C 41 10.06 -14.55 20.59
N ASP C 42 9.04 -15.25 21.06
CA ASP C 42 9.21 -16.57 21.64
C ASP C 42 9.13 -17.59 20.51
N THR C 43 10.20 -17.69 19.72
CA THR C 43 10.18 -18.47 18.48
C THR C 43 10.02 -19.98 18.70
N GLU C 44 10.10 -20.47 19.93
CA GLU C 44 9.90 -21.90 20.08
C GLU C 44 8.68 -22.19 20.96
N THR C 45 8.05 -21.15 21.50
CA THR C 45 6.99 -21.40 22.46
C THR C 45 5.71 -20.66 22.07
N GLU C 46 5.61 -19.35 22.28
CA GLU C 46 4.30 -18.68 22.19
C GLU C 46 4.21 -17.69 21.01
N GLY C 47 5.31 -17.46 20.28
CA GLY C 47 5.28 -16.59 19.11
C GLY C 47 5.10 -15.13 19.51
N VAL C 48 4.42 -14.36 18.66
CA VAL C 48 4.32 -12.93 18.89
C VAL C 48 3.28 -12.66 19.96
N PRO C 49 3.59 -11.86 21.01
CA PRO C 49 2.64 -11.65 22.10
C PRO C 49 1.38 -10.95 21.63
N SER C 50 0.22 -11.37 22.17
CA SER C 50 -1.04 -10.75 21.77
C SER C 50 -1.05 -9.25 22.07
N THR C 51 -0.37 -8.85 23.16
CA THR C 51 -0.28 -7.43 23.48
C THR C 51 0.40 -6.64 22.36
N ALA C 52 1.37 -7.24 21.67
CA ALA C 52 2.05 -6.53 20.60
C ALA C 52 1.22 -6.56 19.32
N ILE C 53 0.50 -7.67 19.07
CA ILE C 53 -0.40 -7.74 17.93
C ILE C 53 -1.47 -6.66 18.02
N ARG C 54 -2.07 -6.50 19.20
CA ARG C 54 -3.05 -5.44 19.38
C ARG C 54 -2.42 -4.05 19.26
N GLU C 55 -1.29 -3.83 19.93
CA GLU C 55 -0.68 -2.51 19.91
C GLU C 55 -0.36 -2.09 18.48
N ILE C 56 0.26 -3.00 17.72
CA ILE C 56 0.72 -2.66 16.37
C ILE C 56 -0.49 -2.42 15.46
N SER C 57 -1.47 -3.33 15.51
CA SER C 57 -2.59 -3.29 14.57
C SER C 57 -3.46 -2.06 14.81
N LEU C 58 -3.70 -1.72 16.08
CA LEU C 58 -4.53 -0.58 16.43
C LEU C 58 -3.82 0.73 16.14
N LEU C 59 -2.52 0.84 16.46
CA LEU C 59 -1.77 2.05 16.18
C LEU C 59 -1.64 2.30 14.67
N LYS C 60 -1.62 1.25 13.85
CA LYS C 60 -1.51 1.45 12.41
C LYS C 60 -2.72 2.23 11.87
N GLU C 61 -3.89 1.99 12.46
CA GLU C 61 -5.11 2.67 12.05
C GLU C 61 -5.18 4.08 12.63
N LEU C 62 -4.75 4.25 13.90
CA LEU C 62 -4.93 5.47 14.67
C LEU C 62 -3.87 6.53 14.36
N ASN C 63 -4.09 7.34 13.31
N ASN C 63 -4.12 7.36 13.34
CA ASN C 63 -3.23 8.47 12.99
CA ASN C 63 -3.21 8.45 13.00
C ASN C 63 -3.92 9.76 13.38
C ASN C 63 -3.89 9.78 13.36
N HIS C 64 -3.45 10.39 14.47
CA HIS C 64 -4.05 11.63 14.98
C HIS C 64 -2.96 12.43 15.70
N PRO C 65 -2.98 13.78 15.69
CA PRO C 65 -1.94 14.56 16.35
C PRO C 65 -1.75 14.25 17.84
N ASN C 66 -2.80 13.73 18.49
CA ASN C 66 -2.76 13.50 19.94
C ASN C 66 -2.65 12.01 20.27
N ILE C 67 -2.24 11.20 19.30
CA ILE C 67 -1.93 9.80 19.52
C ILE C 67 -0.50 9.58 19.02
N VAL C 68 0.32 8.95 19.89
CA VAL C 68 1.70 8.68 19.60
C VAL C 68 1.79 7.94 18.26
N LYS C 69 2.72 8.40 17.42
CA LYS C 69 2.88 7.90 16.07
C LYS C 69 3.82 6.69 16.04
N LEU C 70 3.29 5.56 15.58
CA LEU C 70 4.11 4.40 15.23
C LEU C 70 4.70 4.63 13.82
N LEU C 71 6.03 4.68 13.70
CA LEU C 71 6.70 5.08 12.46
C LEU C 71 7.02 3.85 11.61
N ASP C 72 7.40 2.75 12.27
CA ASP C 72 7.87 1.57 11.56
C ASP C 72 7.83 0.34 12.45
N VAL C 73 7.86 -0.82 11.79
CA VAL C 73 7.99 -2.08 12.46
C VAL C 73 9.08 -2.85 11.73
N ILE C 74 10.18 -3.10 12.43
CA ILE C 74 11.33 -3.73 11.82
C ILE C 74 11.43 -5.15 12.35
N HIS C 75 11.36 -6.09 11.40
CA HIS C 75 11.26 -7.52 11.63
C HIS C 75 12.64 -8.17 11.56
N THR C 76 12.89 -9.09 12.48
CA THR C 76 13.94 -10.09 12.35
C THR C 76 13.25 -11.42 12.67
N GLU C 77 13.99 -12.53 12.57
CA GLU C 77 13.47 -13.84 12.97
C GLU C 77 13.22 -13.90 14.47
N ASN C 78 13.95 -13.09 15.25
CA ASN C 78 13.98 -13.25 16.70
C ASN C 78 13.44 -12.05 17.45
N LYS C 79 13.36 -10.89 16.80
CA LYS C 79 12.87 -9.69 17.48
C LYS C 79 11.97 -8.87 16.56
N LEU C 80 11.12 -8.09 17.21
CA LEU C 80 10.37 -7.02 16.57
C LEU C 80 10.86 -5.70 17.18
N TYR C 81 11.17 -4.73 16.33
CA TYR C 81 11.45 -3.40 16.84
C TYR C 81 10.36 -2.45 16.38
N LEU C 82 9.70 -1.81 17.35
CA LEU C 82 8.71 -0.79 17.05
C LEU C 82 9.43 0.55 17.08
N VAL C 83 9.29 1.33 16.00
CA VAL C 83 9.93 2.63 15.99
C VAL C 83 8.83 3.67 16.17
N PHE C 84 8.90 4.40 17.28
CA PHE C 84 7.91 5.44 17.59
C PHE C 84 8.55 6.82 17.45
N GLU C 85 7.72 7.85 17.26
CA GLU C 85 8.22 9.20 17.41
C GLU C 85 8.72 9.34 18.86
N PHE C 86 9.71 10.21 19.06
CA PHE C 86 10.25 10.46 20.37
C PHE C 86 9.55 11.69 20.94
N LEU C 87 9.06 11.54 22.17
CA LEU C 87 8.50 12.66 22.92
C LEU C 87 9.24 12.78 24.25
N HIS C 88 9.61 14.03 24.55
CA HIS C 88 10.49 14.44 25.62
C HIS C 88 10.23 13.79 27.00
N GLN C 89 8.97 13.62 27.41
CA GLN C 89 8.70 13.22 28.78
C GLN C 89 7.23 12.78 28.91
N ASP C 90 6.92 11.99 29.95
CA ASP C 90 5.55 11.64 30.27
C ASP C 90 4.97 12.59 31.32
N LEU C 91 3.65 12.53 31.49
CA LEU C 91 2.92 13.52 32.27
C LEU C 91 3.20 13.31 33.74
N LYS C 92 3.42 12.06 34.15
CA LYS C 92 3.81 11.80 35.53
C LYS C 92 5.11 12.55 35.86
N LYS C 93 6.10 12.48 34.96
CA LYS C 93 7.38 13.07 35.31
C LYS C 93 7.26 14.58 35.35
N PHE C 94 6.46 15.12 34.41
CA PHE C 94 6.20 16.55 34.33
C PHE C 94 5.55 17.06 35.63
N MET C 95 4.47 16.37 36.05
CA MET C 95 3.78 16.69 37.30
C MET C 95 4.74 16.68 38.48
N ASP C 96 5.51 15.58 38.62
CA ASP C 96 6.50 15.49 39.66
C ASP C 96 7.45 16.69 39.60
N ALA C 97 7.91 17.05 38.39
CA ALA C 97 8.87 18.13 38.24
C ALA C 97 8.21 19.44 38.63
N SER C 98 6.89 19.50 38.43
CA SER C 98 6.10 20.68 38.70
C SER C 98 5.53 20.65 40.12
N ALA C 99 6.15 19.89 41.05
CA ALA C 99 5.46 19.62 42.32
C ALA C 99 5.50 20.83 43.25
N LEU C 100 6.56 21.64 43.16
CA LEU C 100 6.60 22.88 43.91
C LEU C 100 5.88 23.99 43.15
N THR C 101 6.26 24.21 41.87
CA THR C 101 5.86 25.37 41.07
C THR C 101 4.39 25.30 40.63
N GLY C 102 3.81 24.10 40.63
CA GLY C 102 2.49 23.92 40.02
C GLY C 102 2.55 24.03 38.49
N ILE C 103 1.46 23.60 37.86
CA ILE C 103 1.23 23.71 36.44
C ILE C 103 0.24 24.85 36.18
N PRO C 104 0.57 25.83 35.32
CA PRO C 104 -0.41 26.88 34.99
C PRO C 104 -1.72 26.33 34.44
N LEU C 105 -2.82 26.97 34.82
CA LEU C 105 -4.17 26.58 34.46
C LEU C 105 -4.33 26.49 32.94
N PRO C 106 -3.86 27.46 32.13
CA PRO C 106 -3.99 27.35 30.68
C PRO C 106 -3.36 26.07 30.14
N LEU C 107 -2.24 25.63 30.72
CA LEU C 107 -1.58 24.42 30.23
C LEU C 107 -2.40 23.17 30.57
N ILE C 108 -2.93 23.11 31.79
CA ILE C 108 -3.81 22.02 32.21
C ILE C 108 -4.95 21.89 31.21
N LYS C 109 -5.60 23.03 30.91
CA LYS C 109 -6.76 23.05 30.03
C LYS C 109 -6.36 22.60 28.62
N SER C 110 -5.25 23.16 28.10
CA SER C 110 -4.73 22.74 26.82
C SER C 110 -4.57 21.22 26.78
N TYR C 111 -3.89 20.69 27.81
CA TYR C 111 -3.55 19.28 27.82
C TYR C 111 -4.82 18.43 27.90
N LEU C 112 -5.78 18.83 28.74
CA LEU C 112 -7.01 18.05 28.83
C LEU C 112 -7.74 18.06 27.47
N PHE C 113 -7.75 19.21 26.80
CA PHE C 113 -8.47 19.34 25.54
C PHE C 113 -7.88 18.37 24.52
N GLN C 114 -6.55 18.28 24.52
CA GLN C 114 -5.80 17.47 23.59
C GLN C 114 -6.03 15.99 23.87
N LEU C 115 -6.04 15.62 25.17
CA LEU C 115 -6.28 14.25 25.59
C LEU C 115 -7.66 13.79 25.14
N LEU C 116 -8.64 14.69 25.22
CA LEU C 116 -10.01 14.40 24.85
C LEU C 116 -10.14 14.28 23.34
N GLN C 117 -9.36 15.07 22.59
CA GLN C 117 -9.39 14.98 21.13
C GLN C 117 -8.83 13.63 20.68
N GLY C 118 -7.70 13.23 21.25
CA GLY C 118 -7.14 11.94 20.93
C GLY C 118 -8.09 10.83 21.33
N LEU C 119 -8.70 10.98 22.51
CA LEU C 119 -9.52 9.88 23.01
C LEU C 119 -10.77 9.74 22.15
N ALA C 120 -11.33 10.88 21.70
CA ALA C 120 -12.54 10.85 20.89
C ALA C 120 -12.24 10.17 19.56
N PHE C 121 -11.02 10.38 19.05
CA PHE C 121 -10.54 9.72 17.85
C PHE C 121 -10.46 8.22 18.09
N CYS C 122 -9.89 7.78 19.23
CA CYS C 122 -9.89 6.35 19.52
C CYS C 122 -11.29 5.76 19.50
N HIS C 123 -12.22 6.38 20.24
CA HIS C 123 -13.56 5.85 20.42
C HIS C 123 -14.36 5.85 19.12
N SER C 124 -14.22 6.93 18.33
CA SER C 124 -14.74 7.05 16.97
C SER C 124 -14.25 5.92 16.06
N HIS C 125 -13.14 5.25 16.44
CA HIS C 125 -12.47 4.25 15.63
C HIS C 125 -12.50 2.90 16.34
N ARG C 126 -13.58 2.68 17.11
CA ARG C 126 -13.84 1.41 17.85
C ARG C 126 -12.64 0.91 18.67
N VAL C 127 -11.86 1.80 19.28
CA VAL C 127 -10.77 1.37 20.15
C VAL C 127 -10.95 1.95 21.56
N LEU C 128 -10.89 1.05 22.55
CA LEU C 128 -10.78 1.38 23.97
C LEU C 128 -9.31 1.37 24.33
N HIS C 129 -8.86 2.37 25.12
CA HIS C 129 -7.47 2.43 25.57
C HIS C 129 -7.25 1.51 26.77
N ARG C 130 -7.99 1.77 27.86
CA ARG C 130 -8.07 0.90 29.02
C ARG C 130 -6.79 0.96 29.87
N ASP C 131 -5.91 1.95 29.60
CA ASP C 131 -4.78 2.12 30.51
C ASP C 131 -4.35 3.59 30.53
N LEU C 132 -5.34 4.46 30.71
CA LEU C 132 -5.03 5.87 30.73
C LEU C 132 -4.53 6.21 32.12
N LYS C 133 -3.30 6.70 32.19
CA LYS C 133 -2.68 7.18 33.40
C LYS C 133 -1.53 8.09 33.01
N PRO C 134 -1.05 8.97 33.93
CA PRO C 134 -0.07 9.98 33.55
C PRO C 134 1.18 9.40 32.89
N GLN C 135 1.58 8.20 33.33
CA GLN C 135 2.76 7.50 32.84
C GLN C 135 2.66 7.19 31.33
N ASN C 136 1.41 7.11 30.82
CA ASN C 136 1.15 6.67 29.46
C ASN C 136 0.79 7.88 28.57
N LEU C 137 0.96 9.09 29.09
CA LEU C 137 0.67 10.29 28.31
C LEU C 137 1.98 11.02 28.13
N LEU C 138 2.32 11.29 26.85
CA LEU C 138 3.62 11.81 26.47
C LEU C 138 3.48 13.27 26.04
N ILE C 139 4.37 14.14 26.53
CA ILE C 139 4.34 15.54 26.14
C ILE C 139 5.62 15.88 25.37
N ASN C 140 5.54 16.90 24.50
CA ASN C 140 6.73 17.46 23.86
C ASN C 140 7.02 18.87 24.40
N THR C 141 8.05 19.50 23.84
CA THR C 141 8.51 20.80 24.32
C THR C 141 7.66 21.92 23.70
N GLU C 142 6.82 21.56 22.73
CA GLU C 142 6.09 22.54 21.94
C GLU C 142 4.66 22.72 22.47
N GLY C 143 4.25 21.95 23.47
CA GLY C 143 2.95 22.16 24.09
C GLY C 143 1.94 21.07 23.77
N ALA C 144 2.37 20.00 23.09
CA ALA C 144 1.47 18.93 22.68
C ALA C 144 1.44 17.84 23.75
N ILE C 145 0.38 17.04 23.78
CA ILE C 145 0.36 15.82 24.61
C ILE C 145 -0.35 14.71 23.82
N LYS C 146 0.08 13.46 24.01
CA LYS C 146 -0.42 12.36 23.20
C LYS C 146 -0.63 11.13 24.07
N LEU C 147 -1.68 10.36 23.73
CA LEU C 147 -1.92 9.05 24.30
C LEU C 147 -0.82 8.12 23.79
N ALA C 148 -0.33 7.28 24.69
CA ALA C 148 0.65 6.29 24.30
C ALA C 148 0.36 5.00 25.06
N ASP C 149 1.20 3.98 24.81
CA ASP C 149 1.08 2.66 25.42
C ASP C 149 -0.29 2.00 25.14
N PHE C 150 -0.53 1.66 23.86
CA PHE C 150 -1.74 0.96 23.44
C PHE C 150 -1.63 -0.56 23.67
N GLY C 151 -0.84 -0.99 24.66
CA GLY C 151 -0.60 -2.40 24.94
C GLY C 151 -1.78 -3.10 25.60
N LEU C 152 -2.70 -2.32 26.22
CA LEU C 152 -3.89 -2.85 26.85
C LEU C 152 -5.13 -2.41 26.09
N ALA C 153 -4.94 -1.88 24.88
CA ALA C 153 -6.08 -1.38 24.07
C ALA C 153 -6.89 -2.55 23.51
N ARG C 154 -8.12 -2.27 23.06
CA ARG C 154 -9.01 -3.35 22.55
C ARG C 154 -9.97 -2.80 21.50
N ALA C 155 -9.98 -3.40 20.30
CA ALA C 155 -10.98 -3.00 19.28
C ALA C 155 -12.33 -3.55 19.69
N PHE C 156 -13.35 -2.68 19.85
CA PHE C 156 -14.63 -3.16 20.36
C PHE C 156 -15.67 -3.23 19.23
N GLY C 157 -16.75 -3.99 19.48
CA GLY C 157 -17.91 -3.99 18.60
C GLY C 157 -19.05 -3.19 19.23
N VAL C 158 -20.13 -2.97 18.47
CA VAL C 158 -21.29 -2.20 18.91
C VAL C 158 -22.51 -3.11 18.81
N PRO C 159 -23.17 -3.51 19.93
CA PRO C 159 -22.78 -3.10 21.28
C PRO C 159 -21.55 -3.87 21.76
N VAL C 160 -21.02 -3.46 22.91
CA VAL C 160 -19.82 -4.10 23.45
C VAL C 160 -20.23 -5.48 23.92
N ARG C 161 -19.27 -6.42 23.91
CA ARG C 161 -19.45 -7.64 24.66
C ARG C 161 -18.49 -7.62 25.85
N THR C 162 -18.48 -8.71 26.63
CA THR C 162 -17.59 -8.88 27.78
C THR C 162 -16.13 -8.93 27.33
N TYR C 163 -15.31 -8.05 27.91
CA TYR C 163 -13.87 -8.03 27.65
C TYR C 163 -13.08 -8.32 28.92
N TPO C 164 -11.75 -8.19 28.83
CA TPO C 164 -10.88 -8.54 29.95
CB TPO C 164 -9.41 -8.38 29.56
CG2 TPO C 164 -8.44 -8.82 30.65
OG1 TPO C 164 -9.16 -9.24 28.40
P TPO C 164 -8.84 -8.57 26.98
O1P TPO C 164 -10.01 -7.72 26.58
O2P TPO C 164 -8.61 -9.76 26.03
O3P TPO C 164 -7.61 -7.69 27.21
C TPO C 164 -11.29 -7.72 31.19
O TPO C 164 -11.48 -6.51 31.11
N HIS C 165 -11.42 -8.41 32.33
CA HIS C 165 -11.76 -7.70 33.56
C HIS C 165 -10.56 -6.94 34.13
N GLU C 166 -9.39 -7.57 34.14
CA GLU C 166 -8.23 -6.99 34.78
C GLU C 166 -7.67 -5.90 33.86
N VAL C 167 -8.28 -4.71 33.94
CA VAL C 167 -7.86 -3.62 33.06
C VAL C 167 -7.89 -2.30 33.84
N VAL C 168 -7.00 -1.40 33.38
CA VAL C 168 -6.79 -0.06 33.92
C VAL C 168 -6.01 -0.19 35.23
N THR C 169 -4.95 0.60 35.39
CA THR C 169 -4.26 0.70 36.67
C THR C 169 -5.28 1.12 37.75
N LEU C 170 -5.19 0.48 38.93
CA LEU C 170 -6.16 0.60 40.02
C LEU C 170 -6.65 2.06 40.26
N TRP C 171 -5.71 2.98 40.43
CA TRP C 171 -6.04 4.36 40.77
C TRP C 171 -6.97 5.00 39.75
N TYR C 172 -7.00 4.48 38.52
CA TYR C 172 -7.81 5.10 37.45
C TYR C 172 -8.93 4.15 37.03
N ARG C 173 -9.06 3.02 37.64
CA ARG C 173 -10.12 2.04 37.26
C ARG C 173 -11.50 2.64 37.53
N ALA C 174 -12.42 2.50 36.65
CA ALA C 174 -13.80 3.02 36.77
C ALA C 174 -14.61 2.15 37.74
N PRO C 175 -15.60 2.69 38.48
CA PRO C 175 -16.31 1.88 39.45
C PRO C 175 -17.10 0.72 38.82
N GLU C 176 -17.55 0.86 37.55
CA GLU C 176 -18.22 -0.25 36.87
C GLU C 176 -17.31 -1.47 36.87
N ILE C 177 -16.01 -1.25 36.62
CA ILE C 177 -15.06 -2.37 36.64
C ILE C 177 -14.86 -2.88 38.06
N LEU C 178 -14.73 -1.97 39.02
CA LEU C 178 -14.47 -2.36 40.40
C LEU C 178 -15.60 -3.22 40.97
N LEU C 179 -16.85 -2.89 40.60
CA LEU C 179 -18.03 -3.61 41.07
C LEU C 179 -18.33 -4.83 40.19
N GLY C 180 -17.49 -5.11 39.19
CA GLY C 180 -17.44 -6.38 38.48
C GLY C 180 -18.49 -6.50 37.36
N CYS C 181 -18.88 -5.36 36.78
CA CYS C 181 -19.96 -5.35 35.81
C CYS C 181 -19.62 -6.24 34.63
N LYS C 182 -20.66 -6.79 34.02
CA LYS C 182 -20.53 -7.69 32.89
C LYS C 182 -19.93 -6.93 31.71
N TYR C 183 -20.35 -5.66 31.54
CA TYR C 183 -19.98 -4.88 30.39
C TYR C 183 -19.42 -3.52 30.81
N TYR C 184 -18.41 -3.07 30.05
CA TYR C 184 -17.87 -1.73 30.16
C TYR C 184 -17.65 -1.21 28.75
N SER C 185 -17.62 0.12 28.61
CA SER C 185 -17.51 0.74 27.31
C SER C 185 -16.57 1.94 27.39
N THR C 186 -16.73 2.89 26.46
CA THR C 186 -15.93 4.11 26.32
C THR C 186 -15.83 4.88 27.64
N ALA C 187 -16.85 4.73 28.51
CA ALA C 187 -16.95 5.46 29.77
C ALA C 187 -15.74 5.26 30.67
N VAL C 188 -15.14 4.06 30.63
CA VAL C 188 -14.02 3.70 31.49
C VAL C 188 -12.83 4.62 31.19
N ASP C 189 -12.62 4.91 29.91
CA ASP C 189 -11.52 5.77 29.49
C ASP C 189 -11.80 7.20 29.99
N ILE C 190 -13.08 7.60 29.96
CA ILE C 190 -13.44 8.93 30.42
C ILE C 190 -13.16 9.04 31.91
N TRP C 191 -13.45 7.98 32.68
CA TRP C 191 -13.21 8.03 34.12
C TRP C 191 -11.74 8.30 34.40
N SER C 192 -10.88 7.51 33.76
CA SER C 192 -9.45 7.69 33.86
C SER C 192 -9.05 9.13 33.60
N LEU C 193 -9.56 9.71 32.51
CA LEU C 193 -9.18 11.06 32.15
C LEU C 193 -9.61 12.03 33.25
N GLY C 194 -10.78 11.76 33.84
CA GLY C 194 -11.27 12.60 34.92
C GLY C 194 -10.28 12.58 36.09
N CYS C 195 -9.84 11.38 36.44
CA CYS C 195 -8.85 11.20 37.49
C CYS C 195 -7.58 11.98 37.15
N ILE C 196 -7.23 12.00 35.86
CA ILE C 196 -6.01 12.67 35.41
C ILE C 196 -6.21 14.18 35.46
N PHE C 197 -7.39 14.64 35.04
CA PHE C 197 -7.72 16.06 35.14
C PHE C 197 -7.44 16.51 36.57
N ALA C 198 -8.04 15.82 37.54
CA ALA C 198 -7.94 16.22 38.93
C ALA C 198 -6.46 16.28 39.35
N GLU C 199 -5.72 15.28 38.85
CA GLU C 199 -4.34 15.08 39.29
C GLU C 199 -3.46 16.18 38.72
N MET C 200 -3.77 16.63 37.50
CA MET C 200 -3.06 17.77 36.92
C MET C 200 -3.26 19.01 37.78
N VAL C 201 -4.44 19.14 38.41
CA VAL C 201 -4.77 20.34 39.16
C VAL C 201 -4.08 20.33 40.53
N THR C 202 -3.98 19.14 41.17
CA THR C 202 -3.48 18.99 42.53
C THR C 202 -2.06 18.43 42.51
N ARG C 203 -1.71 17.74 41.41
CA ARG C 203 -0.47 16.97 41.31
C ARG C 203 -0.40 15.86 42.37
N ARG C 204 -1.55 15.39 42.87
CA ARG C 204 -1.64 14.14 43.61
C ARG C 204 -2.75 13.31 42.99
N ALA C 205 -2.59 11.99 43.03
CA ALA C 205 -3.64 11.09 42.56
C ALA C 205 -4.93 11.38 43.32
N LEU C 206 -6.05 11.37 42.59
CA LEU C 206 -7.34 11.67 43.18
C LEU C 206 -7.78 10.53 44.09
N PHE C 207 -7.63 9.29 43.63
CA PHE C 207 -8.08 8.13 44.40
C PHE C 207 -6.96 7.09 44.51
N PRO C 208 -5.94 7.31 45.35
CA PRO C 208 -4.81 6.37 45.46
C PRO C 208 -5.08 5.18 46.36
N GLY C 209 -5.87 4.20 45.90
CA GLY C 209 -6.23 3.09 46.76
C GLY C 209 -5.15 2.01 46.86
N ASP C 210 -5.24 1.19 47.91
CA ASP C 210 -4.30 0.13 48.24
C ASP C 210 -4.88 -1.25 47.89
N SER C 211 -6.14 -1.30 47.45
CA SER C 211 -6.85 -2.53 47.16
C SER C 211 -8.17 -2.17 46.47
N GLU C 212 -8.90 -3.18 45.96
CA GLU C 212 -10.16 -2.89 45.28
C GLU C 212 -11.19 -2.30 46.26
N ILE C 213 -11.24 -2.89 47.45
CA ILE C 213 -12.17 -2.42 48.47
C ILE C 213 -11.78 -0.98 48.89
N ASP C 214 -10.47 -0.72 49.04
CA ASP C 214 -10.00 0.59 49.46
C ASP C 214 -10.26 1.61 48.36
N GLN C 215 -10.13 1.15 47.10
CA GLN C 215 -10.32 1.99 45.93
C GLN C 215 -11.75 2.50 45.90
N LEU C 216 -12.71 1.58 46.12
CA LEU C 216 -14.12 1.90 46.15
C LEU C 216 -14.41 2.90 47.27
N PHE C 217 -13.94 2.55 48.48
CA PHE C 217 -14.18 3.40 49.63
C PHE C 217 -13.70 4.82 49.33
N ARG C 218 -12.54 4.95 48.66
CA ARG C 218 -11.94 6.26 48.39
C ARG C 218 -12.81 7.06 47.42
N ILE C 219 -13.36 6.39 46.42
CA ILE C 219 -14.28 7.04 45.51
C ILE C 219 -15.53 7.53 46.28
N PHE C 220 -16.09 6.66 47.14
CA PHE C 220 -17.32 6.97 47.86
C PHE C 220 -17.15 8.12 48.85
N ARG C 221 -16.06 8.12 49.60
CA ARG C 221 -15.79 9.22 50.57
C ARG C 221 -15.77 10.57 49.83
N THR C 222 -15.33 10.58 48.57
CA THR C 222 -15.19 11.82 47.82
C THR C 222 -16.47 12.18 47.06
N LEU C 223 -17.08 11.20 46.39
CA LEU C 223 -18.17 11.48 45.45
C LEU C 223 -19.54 11.19 46.06
N GLY C 224 -19.56 10.64 47.28
CA GLY C 224 -20.80 10.23 47.92
C GLY C 224 -21.10 8.78 47.54
N THR C 225 -21.57 7.99 48.52
CA THR C 225 -21.87 6.59 48.23
C THR C 225 -23.02 6.57 47.23
N PRO C 226 -22.90 5.82 46.11
CA PRO C 226 -23.96 5.81 45.11
C PRO C 226 -25.15 4.99 45.63
N ASP C 227 -26.34 5.45 45.26
CA ASP C 227 -27.60 4.78 45.53
C ASP C 227 -28.31 4.58 44.19
N GLU C 228 -29.50 3.99 44.23
CA GLU C 228 -30.25 3.63 43.04
C GLU C 228 -30.70 4.88 42.28
N VAL C 229 -30.71 6.03 42.97
CA VAL C 229 -31.21 7.29 42.43
C VAL C 229 -30.14 8.01 41.58
N VAL C 230 -28.86 7.92 41.97
CA VAL C 230 -27.80 8.53 41.16
C VAL C 230 -27.34 7.53 40.09
N TRP C 231 -27.39 6.24 40.42
CA TRP C 231 -26.90 5.18 39.55
C TRP C 231 -27.89 4.02 39.53
N PRO C 232 -28.97 4.09 38.71
CA PRO C 232 -29.91 2.97 38.63
C PRO C 232 -29.13 1.72 38.26
N GLY C 233 -29.42 0.62 38.98
CA GLY C 233 -28.74 -0.64 38.74
C GLY C 233 -27.58 -0.93 39.71
N VAL C 234 -26.95 0.12 40.27
CA VAL C 234 -25.73 0.00 41.06
C VAL C 234 -25.87 -1.08 42.14
N THR C 235 -27.02 -1.12 42.82
CA THR C 235 -27.17 -1.97 44.00
C THR C 235 -27.34 -3.45 43.61
N SER C 236 -27.62 -3.70 42.32
CA SER C 236 -27.77 -5.05 41.79
C SER C 236 -26.47 -5.54 41.16
N MET C 237 -25.41 -4.74 41.31
CA MET C 237 -24.14 -5.06 40.67
C MET C 237 -23.39 -6.12 41.47
N PRO C 238 -22.70 -7.07 40.78
CA PRO C 238 -22.16 -8.27 41.42
C PRO C 238 -21.37 -8.08 42.72
N ASP C 239 -20.55 -7.02 42.76
CA ASP C 239 -19.67 -6.76 43.90
C ASP C 239 -20.18 -5.60 44.77
N TYR C 240 -21.42 -5.14 44.55
CA TYR C 240 -22.02 -4.13 45.41
C TYR C 240 -22.33 -4.81 46.73
N LYS C 241 -22.13 -4.08 47.84
CA LYS C 241 -22.46 -4.57 49.18
C LYS C 241 -23.51 -3.66 49.82
N PRO C 242 -24.70 -4.18 50.22
CA PRO C 242 -25.63 -3.39 51.04
C PRO C 242 -24.95 -2.65 52.20
N SER C 243 -23.84 -3.21 52.73
CA SER C 243 -23.22 -2.76 53.97
C SER C 243 -22.29 -1.55 53.80
N PHE C 244 -22.02 -1.14 52.54
CA PHE C 244 -21.23 0.07 52.30
C PHE C 244 -21.65 1.22 53.23
N PRO C 245 -20.72 1.97 53.88
CA PRO C 245 -21.10 3.21 54.57
C PRO C 245 -21.73 4.21 53.59
N LYS C 246 -22.58 5.10 54.12
CA LYS C 246 -23.31 6.09 53.34
C LYS C 246 -22.64 7.47 53.48
N TRP C 247 -21.53 7.67 52.74
CA TRP C 247 -20.76 8.92 52.77
C TRP C 247 -21.46 9.98 51.92
N ALA C 248 -21.47 11.22 52.42
CA ALA C 248 -21.98 12.36 51.66
C ALA C 248 -20.90 12.89 50.72
N ARG C 249 -21.35 13.36 49.55
CA ARG C 249 -20.46 13.91 48.53
C ARG C 249 -19.81 15.18 49.08
N GLN C 250 -18.55 15.41 48.70
CA GLN C 250 -17.83 16.62 49.09
C GLN C 250 -18.04 17.69 48.02
N ASP C 251 -18.11 18.96 48.48
CA ASP C 251 -18.08 20.09 47.57
C ASP C 251 -16.77 19.99 46.77
N PHE C 252 -16.86 20.21 45.46
CA PHE C 252 -15.68 20.18 44.62
C PHE C 252 -14.73 21.34 44.94
N SER C 253 -15.22 22.35 45.68
CA SER C 253 -14.37 23.44 46.13
C SER C 253 -13.36 22.93 47.18
N LYS C 254 -13.62 21.76 47.75
CA LYS C 254 -12.68 21.12 48.66
C LYS C 254 -11.78 20.13 47.92
N VAL C 255 -12.32 19.44 46.91
CA VAL C 255 -11.61 18.35 46.24
C VAL C 255 -10.60 18.90 45.21
N VAL C 256 -10.95 20.00 44.52
CA VAL C 256 -10.07 20.62 43.55
C VAL C 256 -10.14 22.15 43.70
N PRO C 257 -9.59 22.73 44.80
CA PRO C 257 -9.77 24.16 45.10
C PRO C 257 -9.36 25.08 43.96
N PRO C 258 -8.22 24.87 43.27
CA PRO C 258 -7.82 25.74 42.17
C PRO C 258 -8.84 25.94 41.04
N LEU C 259 -9.80 25.00 40.92
CA LEU C 259 -10.69 24.95 39.76
C LEU C 259 -11.81 25.98 39.87
N ASP C 260 -12.09 26.65 38.74
CA ASP C 260 -13.25 27.52 38.56
C ASP C 260 -14.53 26.67 38.49
N GLU C 261 -15.66 27.34 38.28
CA GLU C 261 -16.97 26.71 38.20
C GLU C 261 -17.09 25.76 37.00
N ASP C 262 -16.55 26.17 35.84
CA ASP C 262 -16.55 25.37 34.61
C ASP C 262 -15.75 24.08 34.78
N GLY C 263 -14.50 24.22 35.23
CA GLY C 263 -13.67 23.07 35.51
C GLY C 263 -14.40 22.08 36.43
N ARG C 264 -15.01 22.59 37.50
CA ARG C 264 -15.70 21.71 38.44
C ARG C 264 -16.84 20.96 37.77
N SER C 265 -17.62 21.66 36.94
CA SER C 265 -18.73 21.08 36.20
C SER C 265 -18.24 19.94 35.29
N LEU C 266 -17.23 20.21 34.47
CA LEU C 266 -16.68 19.19 33.58
C LEU C 266 -16.13 18.00 34.38
N LEU C 267 -15.36 18.28 35.44
CA LEU C 267 -14.81 17.20 36.25
C LEU C 267 -15.94 16.30 36.76
N SER C 268 -17.03 16.86 37.25
CA SER C 268 -18.09 16.01 37.80
C SER C 268 -18.78 15.19 36.71
N GLN C 269 -18.86 15.72 35.48
CA GLN C 269 -19.51 15.00 34.39
C GLN C 269 -18.63 13.83 33.98
N MET C 270 -17.32 14.01 34.15
CA MET C 270 -16.33 12.99 33.84
C MET C 270 -16.33 11.91 34.92
N LEU C 271 -16.79 12.25 36.13
CA LEU C 271 -16.73 11.33 37.24
C LEU C 271 -18.13 10.91 37.68
N HIS C 272 -19.11 11.01 36.76
CA HIS C 272 -20.43 10.49 37.05
C HIS C 272 -20.35 8.98 37.29
N TYR C 273 -21.09 8.52 38.30
CA TYR C 273 -21.13 7.11 38.66
C TYR C 273 -21.71 6.27 37.52
N ASP C 274 -22.86 6.69 36.99
CA ASP C 274 -23.57 5.92 36.00
C ASP C 274 -22.82 6.01 34.67
N PRO C 275 -22.28 4.91 34.10
CA PRO C 275 -21.56 4.95 32.83
C PRO C 275 -22.37 5.60 31.73
N ASN C 276 -23.71 5.48 31.82
CA ASN C 276 -24.60 5.95 30.79
C ASN C 276 -24.72 7.48 30.82
N LYS C 277 -24.47 8.09 31.99
CA LYS C 277 -24.60 9.54 32.15
C LYS C 277 -23.24 10.24 31.98
N ARG C 278 -22.14 9.51 32.21
CA ARG C 278 -20.80 10.06 32.13
C ARG C 278 -20.62 10.67 30.74
N ILE C 279 -20.06 11.88 30.70
CA ILE C 279 -19.93 12.62 29.46
C ILE C 279 -19.01 11.86 28.51
N SER C 280 -19.29 11.97 27.21
CA SER C 280 -18.39 11.43 26.20
C SER C 280 -17.24 12.41 25.95
N ALA C 281 -16.16 11.90 25.35
CA ALA C 281 -15.04 12.75 24.97
C ALA C 281 -15.51 13.83 23.99
N LYS C 282 -16.35 13.45 23.03
CA LYS C 282 -16.96 14.35 22.07
C LYS C 282 -17.73 15.48 22.75
N ALA C 283 -18.64 15.13 23.67
CA ALA C 283 -19.43 16.15 24.34
C ALA C 283 -18.52 17.08 25.17
N ALA C 284 -17.59 16.47 25.93
CA ALA C 284 -16.65 17.20 26.77
C ALA C 284 -15.90 18.26 25.98
N LEU C 285 -15.58 17.96 24.71
CA LEU C 285 -14.87 18.89 23.85
C LEU C 285 -15.65 20.20 23.67
N ALA C 286 -16.99 20.16 23.79
CA ALA C 286 -17.81 21.35 23.61
C ALA C 286 -18.06 22.06 24.94
N HIS C 287 -17.56 21.52 26.06
CA HIS C 287 -17.89 22.08 27.36
C HIS C 287 -17.34 23.50 27.50
N PRO C 288 -18.06 24.45 28.16
CA PRO C 288 -17.60 25.83 28.31
C PRO C 288 -16.21 26.04 28.92
N PHE C 289 -15.72 25.04 29.65
CA PHE C 289 -14.37 25.10 30.20
C PHE C 289 -13.36 25.43 29.11
N PHE C 290 -13.60 24.93 27.88
CA PHE C 290 -12.65 25.01 26.78
C PHE C 290 -12.88 26.20 25.84
N GLN C 291 -13.89 27.05 26.10
CA GLN C 291 -14.16 28.18 25.23
C GLN C 291 -12.88 28.99 24.96
N ASP C 292 -12.01 29.12 25.97
CA ASP C 292 -10.88 30.04 25.90
C ASP C 292 -9.56 29.27 25.87
N VAL C 293 -9.54 28.09 25.24
CA VAL C 293 -8.39 27.21 25.31
C VAL C 293 -7.30 27.72 24.37
N THR C 294 -6.05 27.64 24.84
CA THR C 294 -4.90 28.01 24.01
C THR C 294 -3.94 26.81 23.98
N LYS C 295 -2.77 26.98 23.37
CA LYS C 295 -1.74 25.96 23.34
C LYS C 295 -0.43 26.53 23.91
N PRO C 296 -0.29 26.68 25.25
CA PRO C 296 0.95 27.19 25.83
C PRO C 296 2.09 26.16 25.75
N VAL C 297 3.34 26.63 25.87
CA VAL C 297 4.45 25.70 25.97
C VAL C 297 4.69 25.40 27.46
N PRO C 298 5.05 24.15 27.85
CA PRO C 298 5.45 23.89 29.23
C PRO C 298 6.81 24.52 29.55
N HIS C 299 7.07 24.80 30.83
CA HIS C 299 8.42 25.19 31.24
C HIS C 299 9.23 23.93 31.54
N LEU C 300 10.17 23.60 30.63
CA LEU C 300 10.96 22.38 30.67
C LEU C 300 12.44 22.70 30.95
N GLY D 1 -27.87 3.06 26.22
CA GLY D 1 -26.80 3.64 27.06
C GLY D 1 -25.43 3.42 26.43
N VAL D 2 -24.39 3.59 27.26
CA VAL D 2 -23.03 3.75 26.78
C VAL D 2 -22.53 2.47 26.11
N ASN D 3 -23.12 1.31 26.44
CA ASN D 3 -22.73 0.04 25.85
C ASN D 3 -23.05 -0.02 24.35
N GLU D 4 -23.88 0.90 23.85
CA GLU D 4 -24.17 1.03 22.43
C GLU D 4 -23.52 2.28 21.85
N VAL D 5 -22.64 2.93 22.64
CA VAL D 5 -21.85 4.08 22.23
C VAL D 5 -22.68 4.99 21.33
N PRO D 6 -23.70 5.68 21.87
CA PRO D 6 -24.56 6.55 21.07
C PRO D 6 -23.80 7.68 20.37
N ASP D 7 -22.83 8.26 21.08
CA ASP D 7 -22.07 9.39 20.55
C ASP D 7 -21.09 8.97 19.45
N TYR D 8 -20.93 7.65 19.20
CA TYR D 8 -19.91 7.12 18.30
C TYR D 8 -20.44 6.15 17.24
N HIS D 9 -21.63 5.53 17.41
CA HIS D 9 -22.05 4.42 16.55
C HIS D 9 -21.96 4.78 15.06
N GLU D 10 -22.35 6.02 14.71
CA GLU D 10 -22.38 6.44 13.32
C GLU D 10 -20.95 6.56 12.78
N ASP D 11 -20.10 7.32 13.49
CA ASP D 11 -18.68 7.40 13.19
C ASP D 11 -18.10 6.01 13.01
N ILE D 12 -18.48 5.06 13.90
CA ILE D 12 -17.85 3.75 13.89
C ILE D 12 -18.28 3.00 12.63
N HIS D 13 -19.58 3.12 12.30
CA HIS D 13 -20.19 2.50 11.12
C HIS D 13 -19.49 3.01 9.84
N THR D 14 -19.42 4.34 9.71
CA THR D 14 -18.80 4.96 8.55
C THR D 14 -17.36 4.44 8.40
N TYR D 15 -16.64 4.35 9.53
CA TYR D 15 -15.26 3.90 9.54
C TYR D 15 -15.17 2.44 9.11
N LEU D 16 -16.06 1.56 9.61
CA LEU D 16 -16.01 0.15 9.30
C LEU D 16 -16.30 -0.06 7.80
N ARG D 17 -17.21 0.75 7.28
CA ARG D 17 -17.52 0.67 5.84
C ARG D 17 -16.26 1.03 5.05
N GLU D 18 -15.53 2.02 5.54
CA GLU D 18 -14.29 2.37 4.88
C GLU D 18 -13.31 1.20 5.01
N MET D 19 -13.22 0.62 6.21
CA MET D 19 -12.15 -0.33 6.47
C MET D 19 -12.40 -1.68 5.78
N GLU D 20 -13.68 -2.05 5.56
CA GLU D 20 -14.04 -3.33 4.96
C GLU D 20 -13.67 -3.33 3.48
N VAL D 21 -13.72 -2.17 2.84
CA VAL D 21 -13.16 -2.05 1.49
C VAL D 21 -11.65 -2.35 1.51
N LYS D 22 -10.90 -1.77 2.46
CA LYS D 22 -9.44 -1.91 2.52
C LYS D 22 -9.00 -3.34 2.82
N CYS D 23 -9.71 -4.03 3.72
CA CYS D 23 -9.35 -5.38 4.12
C CYS D 23 -9.98 -6.42 3.20
N LYS D 24 -10.40 -6.04 2.00
CA LYS D 24 -11.22 -6.93 1.18
C LYS D 24 -10.28 -7.88 0.44
N PRO D 25 -10.52 -9.21 0.49
CA PRO D 25 -9.71 -10.14 -0.31
C PRO D 25 -9.95 -9.90 -1.80
N LYS D 26 -8.98 -10.27 -2.64
CA LYS D 26 -9.17 -10.30 -4.08
C LYS D 26 -10.28 -11.30 -4.46
N VAL D 27 -11.35 -10.77 -5.07
CA VAL D 27 -12.50 -11.53 -5.56
C VAL D 27 -12.06 -12.76 -6.34
N GLY D 28 -11.12 -12.60 -7.29
CA GLY D 28 -10.79 -13.72 -8.16
C GLY D 28 -9.53 -14.52 -7.77
N TYR D 29 -9.06 -14.57 -6.61
CA TYR D 29 -7.74 -15.17 -6.28
C TYR D 29 -7.69 -16.68 -6.41
N MET D 30 -8.91 -17.32 -6.31
CA MET D 30 -8.86 -18.77 -6.30
C MET D 30 -8.39 -19.30 -7.66
N LYS D 31 -8.81 -18.64 -8.74
CA LYS D 31 -8.40 -19.06 -10.07
C LYS D 31 -6.89 -18.89 -10.23
N LYS D 32 -6.30 -17.92 -9.52
CA LYS D 32 -4.86 -17.63 -9.59
C LYS D 32 -4.04 -18.52 -8.65
N GLN D 33 -4.73 -19.39 -7.91
CA GLN D 33 -4.05 -20.36 -7.01
C GLN D 33 -4.14 -21.73 -7.67
N PRO D 34 -3.08 -22.21 -8.38
CA PRO D 34 -3.17 -23.45 -9.13
C PRO D 34 -3.28 -24.73 -8.31
N ASP D 35 -2.69 -24.76 -7.11
CA ASP D 35 -2.67 -26.04 -6.33
C ASP D 35 -3.86 -26.11 -5.37
N ILE D 36 -4.79 -25.15 -5.43
CA ILE D 36 -5.88 -25.15 -4.41
C ILE D 36 -7.24 -24.76 -5.04
N THR D 37 -8.37 -24.91 -4.33
CA THR D 37 -9.70 -24.77 -4.92
C THR D 37 -10.68 -24.23 -3.88
N ASN D 38 -11.89 -23.84 -4.36
CA ASN D 38 -12.96 -23.36 -3.49
C ASN D 38 -13.35 -24.46 -2.52
N SER D 39 -13.36 -25.70 -3.04
CA SER D 39 -13.70 -26.90 -2.29
C SER D 39 -12.73 -27.13 -1.13
N MET D 40 -11.43 -27.00 -1.38
CA MET D 40 -10.46 -27.19 -0.32
C MET D 40 -10.63 -26.12 0.75
N ARG D 41 -11.01 -24.93 0.30
CA ARG D 41 -11.11 -23.78 1.17
C ARG D 41 -12.30 -23.98 2.08
N ALA D 42 -13.42 -24.42 1.47
CA ALA D 42 -14.62 -24.85 2.17
C ALA D 42 -14.29 -25.84 3.30
N ILE D 43 -13.46 -26.86 3.00
CA ILE D 43 -13.07 -27.86 3.99
C ILE D 43 -12.32 -27.19 5.15
N LEU D 44 -11.45 -26.24 4.80
CA LEU D 44 -10.64 -25.58 5.81
C LEU D 44 -11.53 -24.78 6.75
N VAL D 45 -12.43 -23.97 6.18
CA VAL D 45 -13.28 -23.10 6.98
C VAL D 45 -14.19 -23.96 7.86
N ASP D 46 -14.67 -25.07 7.29
CA ASP D 46 -15.57 -25.95 8.03
C ASP D 46 -14.86 -26.54 9.23
N TRP D 47 -13.58 -26.87 9.05
CA TRP D 47 -12.75 -27.37 10.14
C TRP D 47 -12.50 -26.27 11.19
N LEU D 48 -12.31 -25.02 10.78
CA LEU D 48 -12.11 -23.94 11.72
C LEU D 48 -13.37 -23.70 12.58
N VAL D 49 -14.54 -23.86 11.95
CA VAL D 49 -15.80 -23.81 12.68
C VAL D 49 -15.74 -24.79 13.84
N GLU D 50 -15.35 -26.05 13.55
CA GLU D 50 -15.26 -27.12 14.54
C GLU D 50 -14.24 -26.81 15.61
N VAL D 51 -13.08 -26.29 15.18
CA VAL D 51 -12.07 -25.86 16.12
C VAL D 51 -12.67 -24.79 17.03
N GLY D 52 -13.45 -23.88 16.42
CA GLY D 52 -14.09 -22.80 17.17
C GLY D 52 -15.02 -23.33 18.25
N GLU D 53 -15.68 -24.48 18.02
CA GLU D 53 -16.63 -25.10 18.95
C GLU D 53 -15.88 -25.87 20.03
N GLU D 54 -14.93 -26.72 19.62
CA GLU D 54 -14.05 -27.46 20.53
C GLU D 54 -13.37 -26.54 21.56
N TYR D 55 -13.05 -25.29 21.18
CA TYR D 55 -12.30 -24.42 22.07
C TYR D 55 -13.18 -23.30 22.65
N LYS D 56 -14.49 -23.31 22.33
CA LYS D 56 -15.47 -22.34 22.80
C LYS D 56 -15.00 -20.93 22.52
N LEU D 57 -14.53 -20.73 21.27
CA LEU D 57 -14.03 -19.45 20.80
C LEU D 57 -15.22 -18.58 20.40
N GLN D 58 -14.99 -17.26 20.31
CA GLN D 58 -16.03 -16.37 19.81
C GLN D 58 -16.25 -16.62 18.31
N ASN D 59 -17.49 -16.43 17.87
CA ASN D 59 -17.78 -16.39 16.46
C ASN D 59 -16.93 -15.35 15.73
N GLU D 60 -16.76 -14.17 16.36
CA GLU D 60 -15.99 -13.08 15.78
C GLU D 60 -14.56 -13.53 15.44
N THR D 61 -13.98 -14.37 16.31
CA THR D 61 -12.66 -14.97 16.11
C THR D 61 -12.60 -15.77 14.81
N LEU D 62 -13.55 -16.70 14.61
CA LEU D 62 -13.75 -17.43 13.37
C LEU D 62 -13.84 -16.50 12.16
N HIS D 63 -14.70 -15.48 12.21
CA HIS D 63 -14.82 -14.56 11.08
C HIS D 63 -13.48 -13.86 10.82
N LEU D 64 -12.78 -13.41 11.87
CA LEU D 64 -11.47 -12.80 11.66
C LEU D 64 -10.53 -13.79 10.96
N ALA D 65 -10.51 -15.04 11.41
CA ALA D 65 -9.56 -16.00 10.86
C ALA D 65 -9.75 -16.13 9.34
N VAL D 66 -11.02 -16.14 8.88
CA VAL D 66 -11.33 -16.35 7.48
C VAL D 66 -10.87 -15.13 6.70
N ASN D 67 -11.10 -13.93 7.25
CA ASN D 67 -10.60 -12.73 6.61
C ASN D 67 -9.07 -12.85 6.40
N TYR D 68 -8.35 -13.33 7.43
CA TYR D 68 -6.89 -13.38 7.38
C TYR D 68 -6.43 -14.33 6.27
N ILE D 69 -7.08 -15.50 6.20
CA ILE D 69 -6.78 -16.53 5.20
C ILE D 69 -6.98 -15.97 3.79
N ASP D 70 -8.12 -15.33 3.56
CA ASP D 70 -8.46 -14.89 2.22
C ASP D 70 -7.49 -13.81 1.75
N ARG D 71 -7.06 -12.93 2.66
CA ARG D 71 -6.09 -11.87 2.28
C ARG D 71 -4.73 -12.51 2.02
N PHE D 72 -4.32 -13.47 2.85
CA PHE D 72 -3.05 -14.18 2.67
C PHE D 72 -3.02 -14.88 1.31
N LEU D 73 -4.09 -15.62 0.98
CA LEU D 73 -4.20 -16.33 -0.28
C LEU D 73 -4.40 -15.38 -1.45
N SER D 74 -4.76 -14.11 -1.21
CA SER D 74 -4.80 -13.13 -2.29
C SER D 74 -3.41 -12.66 -2.70
N SER D 75 -2.42 -12.85 -1.83
CA SER D 75 -1.08 -12.37 -2.12
C SER D 75 0.00 -13.48 -2.18
N MET D 76 -0.25 -14.70 -1.68
CA MET D 76 0.80 -15.73 -1.70
C MET D 76 0.28 -17.04 -2.30
N SER D 77 1.03 -17.66 -3.25
CA SER D 77 0.70 -19.00 -3.69
C SER D 77 0.99 -19.99 -2.57
N VAL D 78 0.09 -20.95 -2.38
CA VAL D 78 0.20 -21.91 -1.31
C VAL D 78 -0.12 -23.29 -1.87
N LEU D 79 0.71 -24.29 -1.54
CA LEU D 79 0.42 -25.65 -1.94
C LEU D 79 -0.62 -26.26 -0.99
N ARG D 80 -1.33 -27.27 -1.51
CA ARG D 80 -2.43 -27.90 -0.81
C ARG D 80 -2.03 -28.38 0.58
N GLY D 81 -0.83 -28.95 0.71
CA GLY D 81 -0.38 -29.54 1.96
C GLY D 81 -0.06 -28.49 3.03
N LYS D 82 0.03 -27.23 2.59
CA LYS D 82 0.34 -26.12 3.49
C LYS D 82 -0.89 -25.25 3.77
N LEU D 83 -2.01 -25.54 3.10
CA LEU D 83 -3.22 -24.73 3.28
C LEU D 83 -3.67 -24.77 4.73
N GLN D 84 -3.60 -25.96 5.35
CA GLN D 84 -4.01 -26.08 6.74
C GLN D 84 -3.06 -25.30 7.65
N LEU D 85 -1.80 -25.15 7.24
CA LEU D 85 -0.84 -24.44 8.10
C LEU D 85 -1.23 -22.96 8.15
N VAL D 86 -1.57 -22.41 6.98
CA VAL D 86 -2.07 -21.04 6.92
C VAL D 86 -3.28 -20.84 7.83
N GLY D 87 -4.24 -21.77 7.76
CA GLY D 87 -5.49 -21.70 8.51
C GLY D 87 -5.26 -21.73 10.01
N THR D 88 -4.36 -22.61 10.46
CA THR D 88 -4.00 -22.74 11.87
C THR D 88 -3.38 -21.44 12.39
N ALA D 89 -2.45 -20.88 11.60
CA ALA D 89 -1.78 -19.66 11.98
C ALA D 89 -2.80 -18.51 12.06
N ALA D 90 -3.71 -18.46 11.08
CA ALA D 90 -4.75 -17.44 11.03
C ALA D 90 -5.65 -17.49 12.26
N MET D 91 -6.10 -18.70 12.61
CA MET D 91 -6.93 -18.90 13.79
C MET D 91 -6.16 -18.54 15.06
N LEU D 92 -4.86 -18.86 15.10
CA LEU D 92 -4.06 -18.49 16.27
C LEU D 92 -4.06 -16.96 16.42
N LEU D 93 -3.80 -16.27 15.32
CA LEU D 93 -3.70 -14.82 15.32
C LEU D 93 -5.03 -14.17 15.68
N ALA D 94 -6.14 -14.70 15.10
CA ALA D 94 -7.47 -14.20 15.41
C ALA D 94 -7.74 -14.37 16.91
N SER D 95 -7.36 -15.52 17.46
CA SER D 95 -7.50 -15.77 18.87
C SER D 95 -6.73 -14.75 19.68
N LYS D 96 -5.46 -14.48 19.28
CA LYS D 96 -4.65 -13.60 20.08
C LYS D 96 -5.27 -12.19 20.05
N PHE D 97 -5.82 -11.84 18.88
CA PHE D 97 -6.38 -10.50 18.71
C PHE D 97 -7.63 -10.38 19.57
N GLU D 98 -8.54 -11.36 19.49
CA GLU D 98 -9.94 -11.18 19.85
C GLU D 98 -10.31 -11.78 21.21
N GLU D 99 -9.67 -12.89 21.64
CA GLU D 99 -10.15 -13.64 22.79
C GLU D 99 -9.57 -13.07 24.08
N ILE D 100 -10.33 -13.20 25.17
CA ILE D 100 -9.77 -12.93 26.48
C ILE D 100 -8.70 -13.97 26.85
N TYR D 101 -9.03 -15.25 26.64
CA TYR D 101 -8.17 -16.36 27.01
C TYR D 101 -7.91 -17.23 25.78
N PRO D 102 -7.03 -16.82 24.84
CA PRO D 102 -6.75 -17.62 23.64
C PRO D 102 -6.21 -18.98 24.05
N PRO D 103 -6.44 -20.05 23.27
CA PRO D 103 -5.74 -21.31 23.53
C PRO D 103 -4.25 -21.04 23.32
N GLU D 104 -3.45 -21.82 24.05
CA GLU D 104 -2.02 -21.83 23.85
C GLU D 104 -1.67 -22.37 22.48
N VAL D 105 -0.48 -22.01 22.00
CA VAL D 105 -0.01 -22.49 20.71
C VAL D 105 0.00 -24.03 20.66
N ALA D 106 0.41 -24.67 21.75
CA ALA D 106 0.42 -26.14 21.75
C ALA D 106 -0.91 -26.74 21.28
N GLU D 107 -2.04 -26.10 21.63
CA GLU D 107 -3.36 -26.61 21.29
C GLU D 107 -3.58 -26.45 19.78
N PHE D 108 -3.00 -25.41 19.19
CA PHE D 108 -3.12 -25.20 17.76
C PHE D 108 -2.35 -26.27 16.99
N VAL D 109 -1.28 -26.78 17.60
CA VAL D 109 -0.48 -27.83 16.99
C VAL D 109 -1.24 -29.16 17.10
N TYR D 110 -1.87 -29.37 18.26
CA TYR D 110 -2.61 -30.58 18.54
C TYR D 110 -3.76 -30.77 17.55
N ILE D 111 -4.47 -29.69 17.17
CA ILE D 111 -5.66 -29.82 16.34
C ILE D 111 -5.33 -30.21 14.89
N THR D 112 -4.07 -30.07 14.47
CA THR D 112 -3.65 -30.44 13.10
C THR D 112 -3.25 -31.89 13.07
N ASP D 113 -3.48 -32.62 14.16
CA ASP D 113 -3.15 -34.07 14.25
C ASP D 113 -1.69 -34.30 13.89
N ASP D 114 -0.79 -33.45 14.37
CA ASP D 114 0.67 -33.63 14.16
C ASP D 114 1.05 -33.48 12.67
N THR D 115 0.17 -32.94 11.84
CA THR D 115 0.52 -32.63 10.46
C THR D 115 1.72 -31.68 10.45
N TYR D 116 1.73 -30.71 11.39
CA TYR D 116 2.75 -29.67 11.40
C TYR D 116 3.44 -29.66 12.76
N THR D 117 4.66 -29.12 12.80
CA THR D 117 5.37 -28.91 14.07
C THR D 117 5.02 -27.54 14.66
N LYS D 118 5.36 -27.36 15.92
CA LYS D 118 5.09 -26.10 16.57
C LYS D 118 5.87 -24.96 15.90
N LYS D 119 7.09 -25.28 15.46
CA LYS D 119 7.93 -24.26 14.86
C LYS D 119 7.32 -23.83 13.53
N GLN D 120 6.71 -24.77 12.80
CA GLN D 120 6.03 -24.39 11.57
C GLN D 120 4.88 -23.43 11.84
N VAL D 121 4.09 -23.73 12.87
CA VAL D 121 2.97 -22.90 13.25
C VAL D 121 3.46 -21.48 13.59
N LEU D 122 4.56 -21.37 14.32
CA LEU D 122 5.02 -20.06 14.78
C LEU D 122 5.66 -19.27 13.64
N ARG D 123 6.39 -19.98 12.78
CA ARG D 123 6.99 -19.36 11.61
C ARG D 123 5.90 -18.85 10.66
N MET D 124 4.83 -19.63 10.52
CA MET D 124 3.70 -19.24 9.68
C MET D 124 2.98 -18.04 10.31
N GLU D 125 2.81 -18.07 11.64
CA GLU D 125 2.24 -16.94 12.35
C GLU D 125 2.95 -15.65 11.93
N HIS D 126 4.30 -15.64 11.98
CA HIS D 126 5.07 -14.46 11.64
C HIS D 126 4.88 -14.10 10.17
N LEU D 127 4.95 -15.09 9.28
CA LEU D 127 4.74 -14.81 7.87
C LEU D 127 3.38 -14.15 7.66
N VAL D 128 2.34 -14.66 8.33
CA VAL D 128 1.01 -14.11 8.08
C VAL D 128 0.94 -12.64 8.53
N LEU D 129 1.56 -12.32 9.66
CA LEU D 129 1.61 -10.96 10.16
C LEU D 129 2.33 -10.05 9.17
N LYS D 130 3.37 -10.56 8.51
CA LYS D 130 4.15 -9.75 7.56
C LYS D 130 3.33 -9.48 6.31
N VAL D 131 2.64 -10.51 5.80
CA VAL D 131 1.89 -10.37 4.57
C VAL D 131 0.74 -9.39 4.78
N LEU D 132 0.06 -9.48 5.93
CA LEU D 132 -1.05 -8.58 6.23
C LEU D 132 -0.55 -7.24 6.77
N ALA D 133 0.75 -7.08 7.00
CA ALA D 133 1.33 -5.87 7.58
C ALA D 133 0.68 -5.50 8.92
N PHE D 134 0.30 -6.53 9.71
CA PHE D 134 -0.34 -6.36 11.01
C PHE D 134 -1.70 -5.67 10.93
N ASP D 135 -2.32 -5.56 9.75
CA ASP D 135 -3.67 -4.99 9.69
C ASP D 135 -4.66 -6.07 10.06
N LEU D 136 -4.88 -6.25 11.38
CA LEU D 136 -5.67 -7.37 11.87
C LEU D 136 -7.10 -6.95 12.22
N ALA D 137 -7.35 -5.66 12.44
CA ALA D 137 -8.65 -5.25 12.94
C ALA D 137 -9.62 -5.11 11.77
N ALA D 138 -9.98 -6.24 11.15
CA ALA D 138 -10.83 -6.27 9.97
C ALA D 138 -12.29 -6.23 10.39
N PRO D 139 -13.15 -5.45 9.71
CA PRO D 139 -14.58 -5.55 9.94
C PRO D 139 -15.08 -6.92 9.45
N THR D 140 -15.96 -7.52 10.26
CA THR D 140 -16.55 -8.82 10.00
C THR D 140 -18.04 -8.66 9.76
N ILE D 141 -18.66 -9.72 9.21
CA ILE D 141 -20.10 -9.79 9.11
C ILE D 141 -20.74 -9.49 10.45
N ASN D 142 -20.18 -10.05 11.54
CA ASN D 142 -20.72 -9.90 12.89
C ASN D 142 -20.69 -8.46 13.41
N GLN D 143 -19.64 -7.71 13.09
CA GLN D 143 -19.58 -6.33 13.56
C GLN D 143 -20.73 -5.52 12.95
N PHE D 144 -21.09 -5.84 11.71
CA PHE D 144 -22.20 -5.16 11.06
C PHE D 144 -23.54 -5.71 11.57
N LEU D 145 -23.64 -7.03 11.77
CA LEU D 145 -24.86 -7.65 12.29
C LEU D 145 -25.26 -7.06 13.64
N THR D 146 -24.34 -7.10 14.62
CA THR D 146 -24.65 -6.70 15.98
C THR D 146 -25.18 -5.27 15.97
N GLN D 147 -24.71 -4.44 15.02
CA GLN D 147 -25.18 -3.06 14.86
C GLN D 147 -26.61 -3.03 14.30
N TYR D 148 -26.91 -3.96 13.40
CA TYR D 148 -28.18 -4.02 12.69
C TYR D 148 -29.27 -4.48 13.66
N PHE D 149 -28.89 -5.34 14.62
CA PHE D 149 -29.80 -5.87 15.63
C PHE D 149 -30.48 -4.75 16.42
N LEU D 150 -29.74 -3.69 16.75
CA LEU D 150 -30.25 -2.63 17.61
C LEU D 150 -31.49 -1.96 17.00
N HIS D 151 -31.69 -2.11 15.69
CA HIS D 151 -32.83 -1.50 15.02
C HIS D 151 -34.11 -2.33 15.18
N GLN D 152 -33.99 -3.55 15.73
CA GLN D 152 -35.16 -4.38 15.97
C GLN D 152 -36.01 -3.77 17.08
N GLN D 153 -37.32 -3.68 16.81
CA GLN D 153 -38.30 -3.28 17.82
C GLN D 153 -39.42 -4.32 17.85
N PRO D 154 -39.40 -5.28 18.81
CA PRO D 154 -38.30 -5.41 19.77
C PRO D 154 -37.30 -6.43 19.26
N ALA D 155 -36.21 -6.60 20.01
CA ALA D 155 -35.18 -7.59 19.74
C ALA D 155 -35.77 -8.99 19.87
N ASN D 156 -35.49 -9.84 18.87
CA ASN D 156 -35.91 -11.23 18.81
C ASN D 156 -34.68 -12.13 18.74
N CYS D 157 -34.65 -13.11 19.66
CA CYS D 157 -33.57 -14.06 19.83
C CYS D 157 -33.33 -14.91 18.59
N LYS D 158 -34.42 -15.35 17.96
CA LYS D 158 -34.31 -16.24 16.81
C LYS D 158 -33.80 -15.50 15.58
N VAL D 159 -34.28 -14.27 15.36
CA VAL D 159 -33.78 -13.43 14.29
C VAL D 159 -32.25 -13.33 14.41
N GLU D 160 -31.75 -13.15 15.64
CA GLU D 160 -30.32 -12.90 15.88
C GLU D 160 -29.52 -14.16 15.57
N SER D 161 -29.94 -15.31 16.12
CA SER D 161 -29.27 -16.57 15.88
C SER D 161 -29.31 -16.96 14.40
N LEU D 162 -30.44 -16.69 13.72
CA LEU D 162 -30.60 -17.08 12.34
C LEU D 162 -29.71 -16.24 11.43
N ALA D 163 -29.68 -14.92 11.67
CA ALA D 163 -28.84 -14.05 10.87
C ALA D 163 -27.37 -14.42 11.06
N MET D 164 -27.00 -14.90 12.26
CA MET D 164 -25.63 -15.33 12.54
C MET D 164 -25.32 -16.61 11.77
N PHE D 165 -26.27 -17.56 11.80
CA PHE D 165 -26.17 -18.85 11.11
C PHE D 165 -25.87 -18.67 9.63
N LEU D 166 -26.66 -17.81 8.99
CA LEU D 166 -26.58 -17.56 7.56
C LEU D 166 -25.27 -16.85 7.24
N GLY D 167 -24.86 -15.95 8.14
CA GLY D 167 -23.62 -15.22 7.93
C GLY D 167 -22.43 -16.19 7.94
N GLU D 168 -22.50 -17.22 8.78
CA GLU D 168 -21.43 -18.21 8.85
C GLU D 168 -21.40 -19.07 7.58
N LEU D 169 -22.57 -19.47 7.07
CA LEU D 169 -22.64 -20.30 5.87
C LEU D 169 -21.86 -19.64 4.74
N SER D 170 -21.98 -18.31 4.61
CA SER D 170 -21.31 -17.54 3.58
C SER D 170 -19.79 -17.70 3.65
N LEU D 171 -19.23 -17.91 4.85
CA LEU D 171 -17.80 -18.03 5.05
C LEU D 171 -17.21 -19.20 4.24
N ILE D 172 -18.03 -20.23 4.01
CA ILE D 172 -17.57 -21.52 3.53
C ILE D 172 -17.29 -21.46 2.02
N ASP D 173 -18.11 -20.72 1.29
CA ASP D 173 -18.12 -20.81 -0.16
C ASP D 173 -17.60 -19.51 -0.75
N ALA D 174 -16.37 -19.55 -1.24
CA ALA D 174 -15.71 -18.37 -1.81
C ALA D 174 -16.49 -17.91 -3.05
N ASP D 175 -16.96 -18.89 -3.84
CA ASP D 175 -17.94 -18.64 -4.86
C ASP D 175 -19.30 -18.99 -4.29
N PRO D 176 -20.23 -18.01 -4.11
CA PRO D 176 -20.02 -16.63 -4.56
C PRO D 176 -19.60 -15.53 -3.59
N TYR D 177 -19.40 -15.86 -2.32
CA TYR D 177 -19.48 -14.84 -1.28
C TYR D 177 -18.27 -13.91 -1.25
N LEU D 178 -17.17 -14.23 -1.93
CA LEU D 178 -16.04 -13.30 -2.00
C LEU D 178 -16.43 -12.01 -2.73
N LYS D 179 -17.49 -12.03 -3.53
CA LYS D 179 -17.80 -10.81 -4.26
C LYS D 179 -18.60 -9.82 -3.39
N TYR D 180 -19.03 -10.27 -2.20
CA TYR D 180 -19.86 -9.43 -1.35
C TYR D 180 -19.04 -8.93 -0.18
N LEU D 181 -19.23 -7.64 0.17
CA LEU D 181 -18.65 -7.03 1.35
C LEU D 181 -19.35 -7.52 2.61
N PRO D 182 -18.67 -7.58 3.76
CA PRO D 182 -19.29 -8.11 4.98
C PRO D 182 -20.58 -7.37 5.30
N SER D 183 -20.60 -6.05 5.06
CA SER D 183 -21.73 -5.24 5.43
C SER D 183 -22.96 -5.65 4.62
N VAL D 184 -22.71 -6.12 3.38
CA VAL D 184 -23.74 -6.52 2.45
C VAL D 184 -24.26 -7.91 2.83
N ILE D 185 -23.33 -8.85 3.12
CA ILE D 185 -23.77 -10.19 3.50
C ILE D 185 -24.53 -10.11 4.81
N ALA D 186 -24.05 -9.26 5.74
CA ALA D 186 -24.73 -9.03 7.00
C ALA D 186 -26.17 -8.56 6.78
N ALA D 187 -26.35 -7.57 5.89
CA ALA D 187 -27.67 -7.03 5.57
C ALA D 187 -28.57 -8.12 5.00
N ALA D 188 -28.07 -8.88 4.02
CA ALA D 188 -28.83 -9.97 3.41
C ALA D 188 -29.21 -11.03 4.45
N ALA D 189 -28.27 -11.36 5.34
CA ALA D 189 -28.45 -12.38 6.36
C ALA D 189 -29.51 -11.95 7.37
N PHE D 190 -29.50 -10.65 7.70
CA PHE D 190 -30.44 -10.09 8.65
C PHE D 190 -31.85 -9.99 8.06
N HIS D 191 -31.98 -9.49 6.83
CA HIS D 191 -33.29 -9.37 6.19
C HIS D 191 -33.93 -10.74 6.01
N LEU D 192 -33.10 -11.72 5.66
CA LEU D 192 -33.56 -13.07 5.37
C LEU D 192 -34.01 -13.74 6.68
N ALA D 193 -33.29 -13.41 7.77
CA ALA D 193 -33.58 -13.97 9.08
C ALA D 193 -34.85 -13.34 9.66
N LEU D 194 -34.97 -12.02 9.47
CA LEU D 194 -36.16 -11.26 9.80
C LEU D 194 -37.35 -11.83 9.01
N TYR D 195 -37.22 -11.90 7.68
CA TYR D 195 -38.30 -12.34 6.81
C TYR D 195 -38.79 -13.73 7.22
N THR D 196 -37.84 -14.61 7.58
CA THR D 196 -38.12 -16.02 7.85
C THR D 196 -38.88 -16.19 9.17
N VAL D 197 -38.52 -15.41 10.19
CA VAL D 197 -39.09 -15.61 11.52
C VAL D 197 -40.34 -14.75 11.71
N THR D 198 -40.30 -13.49 11.21
CA THR D 198 -41.32 -12.50 11.54
C THR D 198 -42.22 -12.17 10.35
N GLY D 199 -41.69 -12.23 9.12
CA GLY D 199 -42.43 -11.75 7.96
C GLY D 199 -42.03 -10.33 7.56
N GLN D 200 -41.55 -9.55 8.54
CA GLN D 200 -41.02 -8.21 8.33
C GLN D 200 -39.78 -8.27 7.44
N SER D 201 -39.54 -7.14 6.76
CA SER D 201 -38.37 -6.96 5.93
C SER D 201 -37.33 -6.09 6.63
N TRP D 202 -36.22 -5.90 5.93
CA TRP D 202 -35.24 -4.84 6.10
C TRP D 202 -35.96 -3.51 6.38
N PRO D 203 -35.70 -2.84 7.54
CA PRO D 203 -36.34 -1.57 7.89
C PRO D 203 -35.70 -0.29 7.35
N GLU D 204 -36.55 0.73 7.19
CA GLU D 204 -36.19 2.03 6.65
C GLU D 204 -35.07 2.68 7.49
N SER D 205 -35.09 2.40 8.79
CA SER D 205 -34.06 2.92 9.69
C SER D 205 -32.69 2.44 9.24
N LEU D 206 -32.61 1.15 8.84
CA LEU D 206 -31.38 0.56 8.35
C LEU D 206 -31.11 0.98 6.91
N VAL D 207 -32.17 1.25 6.13
CA VAL D 207 -31.98 1.77 4.78
C VAL D 207 -31.26 3.12 4.91
N GLN D 208 -31.68 3.92 5.89
CA GLN D 208 -31.10 5.24 6.09
C GLN D 208 -29.67 5.13 6.63
N LYS D 209 -29.44 4.18 7.55
CA LYS D 209 -28.12 3.98 8.12
C LYS D 209 -27.13 3.49 7.06
N THR D 210 -27.52 2.48 6.27
CA THR D 210 -26.58 1.74 5.41
C THR D 210 -26.56 2.31 4.00
N GLY D 211 -27.64 2.96 3.58
CA GLY D 211 -27.84 3.29 2.18
C GLY D 211 -28.13 2.05 1.33
N TYR D 212 -28.34 0.90 1.97
CA TYR D 212 -28.71 -0.33 1.28
C TYR D 212 -30.23 -0.48 1.25
N THR D 213 -30.77 -0.67 0.04
CA THR D 213 -32.16 -1.07 -0.16
C THR D 213 -32.21 -2.56 -0.50
N LEU D 214 -33.43 -3.12 -0.45
CA LEU D 214 -33.68 -4.50 -0.86
C LEU D 214 -33.34 -4.72 -2.33
N GLU D 215 -33.36 -3.65 -3.14
CA GLU D 215 -32.96 -3.78 -4.54
C GLU D 215 -31.44 -3.93 -4.65
N THR D 216 -30.68 -3.18 -3.85
CA THR D 216 -29.23 -3.23 -3.90
C THR D 216 -28.76 -4.56 -3.30
N LEU D 217 -29.51 -5.06 -2.31
CA LEU D 217 -29.20 -6.30 -1.63
C LEU D 217 -29.78 -7.51 -2.35
N LYS D 218 -30.31 -7.33 -3.57
CA LYS D 218 -31.03 -8.43 -4.20
C LYS D 218 -30.08 -9.54 -4.63
N PRO D 219 -28.99 -9.23 -5.38
CA PRO D 219 -28.05 -10.27 -5.81
C PRO D 219 -27.56 -11.07 -4.61
N CYS D 220 -27.14 -10.43 -3.52
CA CYS D 220 -26.59 -11.22 -2.40
C CYS D 220 -27.71 -12.08 -1.80
N LEU D 221 -28.88 -11.49 -1.59
CA LEU D 221 -30.02 -12.20 -0.96
C LEU D 221 -30.38 -13.46 -1.78
N LEU D 222 -30.35 -13.34 -3.10
CA LEU D 222 -30.65 -14.50 -3.97
C LEU D 222 -29.68 -15.65 -3.63
N ASP D 223 -28.38 -15.38 -3.76
CA ASP D 223 -27.37 -16.43 -3.48
C ASP D 223 -27.56 -16.95 -2.06
N LEU D 224 -27.89 -16.07 -1.12
CA LEU D 224 -27.95 -16.49 0.26
C LEU D 224 -29.21 -17.32 0.50
N HIS D 225 -30.32 -16.90 -0.11
CA HIS D 225 -31.53 -17.70 -0.11
C HIS D 225 -31.21 -19.09 -0.65
N GLN D 226 -30.53 -19.12 -1.80
CA GLN D 226 -30.17 -20.37 -2.45
C GLN D 226 -29.26 -21.21 -1.54
N THR D 227 -28.28 -20.57 -0.88
CA THR D 227 -27.36 -21.30 0.00
C THR D 227 -28.15 -21.91 1.17
N TYR D 228 -29.11 -21.14 1.71
CA TYR D 228 -29.91 -21.55 2.86
C TYR D 228 -30.77 -22.77 2.49
N LEU D 229 -31.36 -22.74 1.29
CA LEU D 229 -32.25 -23.79 0.83
C LEU D 229 -31.46 -25.07 0.59
N ARG D 230 -30.24 -24.96 0.06
CA ARG D 230 -29.42 -26.16 -0.25
C ARG D 230 -28.43 -26.46 0.88
N ALA D 231 -28.59 -25.82 2.04
CA ALA D 231 -27.68 -26.02 3.17
C ALA D 231 -27.64 -27.48 3.63
N PRO D 232 -28.79 -28.18 3.83
CA PRO D 232 -28.79 -29.60 4.21
C PRO D 232 -28.06 -30.58 3.29
N GLN D 233 -27.69 -30.10 2.10
CA GLN D 233 -27.13 -30.90 1.01
C GLN D 233 -25.64 -30.65 0.83
N HIS D 234 -25.17 -29.49 1.32
CA HIS D 234 -23.78 -29.08 1.21
C HIS D 234 -22.85 -30.12 1.88
N ALA D 235 -21.71 -30.38 1.23
CA ALA D 235 -20.74 -31.35 1.72
C ALA D 235 -20.28 -30.97 3.12
N GLN D 236 -20.21 -29.68 3.44
CA GLN D 236 -19.80 -29.22 4.77
C GLN D 236 -21.01 -28.85 5.62
N GLN D 237 -21.04 -29.43 6.84
CA GLN D 237 -22.22 -29.44 7.70
C GLN D 237 -21.94 -28.88 9.10
N SER D 238 -20.68 -28.52 9.43
CA SER D 238 -20.35 -28.17 10.81
C SER D 238 -21.18 -26.99 11.33
N ILE D 239 -21.49 -26.03 10.45
CA ILE D 239 -22.28 -24.87 10.85
C ILE D 239 -23.70 -25.31 11.19
N ARG D 240 -24.30 -26.17 10.36
CA ARG D 240 -25.66 -26.64 10.64
C ARG D 240 -25.73 -27.36 11.99
N GLU D 241 -24.74 -28.22 12.28
CA GLU D 241 -24.68 -28.95 13.54
C GLU D 241 -24.62 -27.95 14.70
N LYS D 242 -23.75 -26.95 14.57
CA LYS D 242 -23.49 -26.01 15.64
C LYS D 242 -24.78 -25.25 15.98
N TYR D 243 -25.58 -24.93 14.97
CA TYR D 243 -26.75 -24.06 15.13
C TYR D 243 -28.03 -24.88 15.34
N LYS D 244 -27.91 -26.18 15.64
CA LYS D 244 -29.02 -27.01 16.08
C LYS D 244 -29.25 -26.83 17.58
N ASN D 245 -28.21 -26.36 18.27
CA ASN D 245 -28.14 -26.49 19.72
C ASN D 245 -28.99 -25.41 20.38
N SER D 246 -29.40 -25.72 21.62
CA SER D 246 -30.08 -24.79 22.50
C SER D 246 -29.42 -23.40 22.43
N LYS D 247 -28.09 -23.36 22.55
CA LYS D 247 -27.31 -22.13 22.57
C LYS D 247 -27.81 -21.13 21.52
N TYR D 248 -27.99 -21.58 20.26
CA TYR D 248 -28.43 -20.72 19.17
C TYR D 248 -29.90 -20.99 18.81
N HIS D 249 -30.68 -21.52 19.76
CA HIS D 249 -32.12 -21.65 19.66
C HIS D 249 -32.56 -22.67 18.58
N GLY D 250 -31.63 -23.51 18.11
CA GLY D 250 -31.95 -24.51 17.09
C GLY D 250 -32.40 -23.91 15.76
N VAL D 251 -31.85 -22.74 15.38
CA VAL D 251 -32.34 -22.04 14.20
C VAL D 251 -31.99 -22.77 12.91
N SER D 252 -30.98 -23.65 12.95
CA SER D 252 -30.57 -24.38 11.75
C SER D 252 -31.65 -25.38 11.34
N LEU D 253 -32.51 -25.77 12.29
CA LEU D 253 -33.57 -26.73 12.08
C LEU D 253 -34.79 -26.09 11.40
N LEU D 254 -34.87 -24.76 11.35
CA LEU D 254 -36.00 -24.09 10.74
C LEU D 254 -36.03 -24.39 9.25
N ASN D 255 -37.24 -24.65 8.73
CA ASN D 255 -37.47 -24.74 7.30
C ASN D 255 -37.32 -23.33 6.71
N PRO D 256 -36.46 -23.16 5.68
CA PRO D 256 -36.35 -21.86 5.01
C PRO D 256 -37.59 -21.57 4.17
N PRO D 257 -37.94 -20.28 3.96
CA PRO D 257 -39.07 -19.92 3.11
C PRO D 257 -38.72 -20.31 1.67
N GLU D 258 -39.74 -20.61 0.87
CA GLU D 258 -39.49 -21.07 -0.49
C GLU D 258 -39.36 -19.86 -1.43
N THR D 259 -39.92 -18.73 -1.01
CA THR D 259 -39.87 -17.52 -1.84
C THR D 259 -39.67 -16.30 -0.97
N LEU D 260 -39.10 -15.24 -1.52
CA LEU D 260 -38.79 -14.02 -0.75
C LEU D 260 -39.80 -12.91 -1.11
N ASN D 261 -40.70 -13.20 -2.05
CA ASN D 261 -41.77 -12.24 -2.44
C ASN D 261 -41.17 -10.85 -2.67
N VAL D 262 -40.23 -10.73 -3.61
CA VAL D 262 -39.62 -9.41 -3.95
C VAL D 262 -39.00 -9.51 -5.35
C4 HHN E . 13.85 -19.54 -13.71
C4 HHN E . 14.80 -17.55 -13.93
N1 HHN E . 13.60 -16.88 -13.26
N1 HHN E . 12.69 -19.21 -13.39
N2 HHN E . 12.84 -19.09 -12.97
N2 HHN E . 14.94 -18.86 -14.12
C3 HHN E . 12.77 -17.78 -12.79
C3 HHN E . 13.87 -19.61 -13.83
BR1 HHN E . 16.21 -19.30 -15.30
BR1 HHN E . 13.47 -15.17 -13.15
C1 HHN E . 14.78 -18.67 -14.25
C1 HHN E . 13.62 -17.02 -13.43
C2 HHN E . 14.62 -17.32 -14.00
C2 HHN E . 12.57 -17.89 -13.19
C4 HHN F . 8.12 6.54 24.76
N1 HHN F . 8.64 8.87 23.45
N2 HHN F . 8.81 7.50 25.39
C3 HHN F . 9.02 8.61 24.71
BR1 HHN F . 6.78 5.31 22.56
C1 HHN F . 7.72 6.69 23.44
C2 HHN F . 7.98 7.89 22.83
#